data_7XN1
#
_entry.id   7XN1
#
_cell.length_a   104.578
_cell.length_b   104.578
_cell.length_c   322.501
_cell.angle_alpha   90.00
_cell.angle_beta   90.00
_cell.angle_gamma   120.00
#
_symmetry.space_group_name_H-M   'P 31 2 1'
#
loop_
_entity.id
_entity.type
_entity.pdbx_description
1 polymer Acetylcholinesterase
2 branched 2-acetamido-2-deoxy-beta-D-glucopyranose-(1-4)-[alpha-L-fucopyranose-(1-6)]2-acetamido-2-deoxy-beta-D-glucopyranose
3 branched alpha-L-fucopyranose-(1-6)-2-acetamido-2-deoxy-beta-D-glucopyranose
4 non-polymer TACRINE
5 non-polymer 3,6,9,12,15,18,21-HEPTAOXATRICOSANE-1,23-DIOL
6 water water
#
_entity_poly.entity_id   1
_entity_poly.type   'polypeptide(L)'
_entity_poly.pdbx_seq_one_letter_code
;EDAELLVTVRGGRLRGIRLKTPGGPVSAFLGIPFAEPPMGPRRFLPPEPKQPWSGVVDATTFQSVCYQYVDTLYPGFEGT
EMWNPNRELSEDCLYLNVWTPYPRPTSPTPVLVWIYGGGFYSGASSLDVYDGRFLVQAERTVLVSMNYRVGAFGFLALPG
SREAPGNVGLLDQRLALQWVQENVAAFGGDPTSVTLFGESAGAASVGMHLLSPPSRGLFHRAVLQSGAPNGPWATVGMGE
ARRRATQLAHLVGCPPGGTGGNDTELVACLRTRPAQVLVNHEWHVLPQESVFRFSFVPVVDGDFLSDTPEALINAGDFHG
LQVLVGVVKDEGSYFLVYGAPGFSKDNESLISRAEFLAGVRVGVPQVSDLAAEAVVLHYTDWLHPEDPARLREALSDVVG
DHNVVCPVAQLAGRLAAQGARVYAYVFEHRASTLSWPLWMGVPHGYEIEFIFGIPLDPSRNYTAEEKIFAQRLMRYWANF
ARTGDPNEPRDPKAPQWPPYTAGAQQYVSLDLRPLEVRRGLRAQACAFWNRFLPKLLSAT
;
_entity_poly.pdbx_strand_id   A,B
#
loop_
_chem_comp.id
_chem_comp.type
_chem_comp.name
_chem_comp.formula
FUC L-saccharide, alpha linking alpha-L-fucopyranose 'C6 H12 O5'
NAG D-saccharide, beta linking 2-acetamido-2-deoxy-beta-D-glucopyranose 'C8 H15 N O6'
PE8 non-polymer 3,6,9,12,15,18,21-HEPTAOXATRICOSANE-1,23-DIOL 'C16 H34 O9'
THA non-polymer TACRINE 'C13 H14 N2'
#
# COMPACT_ATOMS: atom_id res chain seq x y z
N GLU A 1 -0.39 5.98 68.46
CA GLU A 1 -0.62 5.29 67.17
C GLU A 1 -1.99 5.56 66.46
N ASP A 2 -1.98 5.61 65.13
CA ASP A 2 -3.20 5.84 64.34
C ASP A 2 -3.67 4.49 63.80
N ALA A 3 -4.85 4.05 64.25
CA ALA A 3 -5.30 2.71 63.91
C ALA A 3 -5.55 2.52 62.42
N GLU A 4 -5.87 3.61 61.71
CA GLU A 4 -6.11 3.52 60.27
C GLU A 4 -4.86 3.12 59.49
N LEU A 5 -3.66 3.33 60.04
CA LEU A 5 -2.41 3.07 59.33
C LEU A 5 -1.73 1.78 59.78
N LEU A 6 -2.45 0.89 60.44
CA LEU A 6 -1.98 -0.46 60.75
C LEU A 6 -2.87 -1.48 60.05
N VAL A 7 -2.24 -2.35 59.27
CA VAL A 7 -2.89 -3.45 58.59
C VAL A 7 -2.07 -4.68 58.88
N THR A 8 -2.73 -5.83 59.03
CA THR A 8 -2.06 -7.11 59.13
C THR A 8 -2.28 -7.91 57.85
N VAL A 9 -1.18 -8.30 57.20
CA VAL A 9 -1.22 -9.22 56.06
C VAL A 9 -0.57 -10.54 56.47
N ARG A 10 -0.62 -11.52 55.58
CA ARG A 10 -0.21 -12.88 55.94
C ARG A 10 1.25 -12.94 56.38
N GLY A 11 2.08 -11.97 56.01
CA GLY A 11 3.46 -11.97 56.43
C GLY A 11 3.71 -11.32 57.77
N GLY A 12 2.84 -10.40 58.20
CA GLY A 12 3.06 -9.66 59.43
C GLY A 12 2.32 -8.33 59.42
N ARG A 13 2.70 -7.48 60.38
CA ARG A 13 2.03 -6.20 60.62
C ARG A 13 2.72 -5.11 59.81
N LEU A 14 1.93 -4.16 59.30
CA LEU A 14 2.43 -3.05 58.48
C LEU A 14 1.97 -1.72 59.06
N ARG A 15 2.84 -0.72 58.97
CA ARG A 15 2.54 0.64 59.39
C ARG A 15 2.61 1.54 58.17
N GLY A 16 1.53 2.29 57.93
CA GLY A 16 1.41 3.14 56.77
C GLY A 16 1.67 4.60 57.07
N ILE A 17 1.14 5.45 56.21
CA ILE A 17 1.26 6.89 56.38
C ILE A 17 0.00 7.54 55.81
N ARG A 18 -0.42 8.65 56.41
CA ARG A 18 -1.58 9.38 55.92
C ARG A 18 -1.11 10.48 54.98
N LEU A 19 -1.69 10.52 53.79
CA LEU A 19 -1.26 11.42 52.73
C LEU A 19 -2.31 12.50 52.49
N LYS A 20 -1.84 13.73 52.35
CA LYS A 20 -2.74 14.82 52.02
C LYS A 20 -3.03 14.78 50.53
N THR A 21 -4.27 15.08 50.16
CA THR A 21 -4.61 15.25 48.76
C THR A 21 -5.52 16.46 48.62
N PRO A 22 -5.57 17.06 47.42
CA PRO A 22 -6.53 18.14 47.13
C PRO A 22 -7.97 17.79 47.50
N GLY A 23 -8.29 16.52 47.65
CA GLY A 23 -9.67 16.19 47.96
C GLY A 23 -9.89 15.42 49.25
N GLY A 24 -8.85 15.28 50.07
CA GLY A 24 -9.03 14.59 51.34
C GLY A 24 -7.85 13.70 51.67
N PRO A 25 -7.93 12.98 52.79
CA PRO A 25 -6.83 12.09 53.15
C PRO A 25 -6.91 10.75 52.44
N VAL A 26 -5.74 10.14 52.29
CA VAL A 26 -5.59 8.83 51.68
C VAL A 26 -4.59 8.09 52.53
N SER A 27 -4.81 6.80 52.75
CA SER A 27 -3.83 5.97 53.44
C SER A 27 -2.90 5.35 52.41
N ALA A 28 -1.61 5.41 52.68
CA ALA A 28 -0.64 4.86 51.75
C ALA A 28 0.28 3.90 52.49
N PHE A 29 0.48 2.75 51.89
CA PHE A 29 1.41 1.75 52.41
C PHE A 29 2.43 1.54 51.29
N LEU A 30 3.56 2.23 51.38
CA LEU A 30 4.56 2.25 50.33
C LEU A 30 5.74 1.39 50.73
N GLY A 31 6.19 0.53 49.83
CA GLY A 31 7.34 -0.31 50.13
C GLY A 31 7.04 -1.57 50.90
N ILE A 32 5.96 -2.27 50.57
CA ILE A 32 5.65 -3.53 51.23
C ILE A 32 6.45 -4.67 50.60
N PRO A 33 7.27 -5.38 51.36
CA PRO A 33 8.02 -6.50 50.77
C PRO A 33 7.09 -7.63 50.38
N PHE A 34 7.14 -8.03 49.12
CA PHE A 34 6.35 -9.17 48.65
C PHE A 34 7.17 -10.34 48.17
N ALA A 35 8.49 -10.21 48.06
CA ALA A 35 9.34 -11.33 47.75
C ALA A 35 10.63 -11.22 48.55
N GLU A 36 11.32 -12.34 48.67
CA GLU A 36 12.65 -12.33 49.21
C GLU A 36 13.57 -11.59 48.24
N PRO A 37 14.50 -10.77 48.72
CA PRO A 37 15.36 -10.01 47.82
C PRO A 37 16.10 -10.92 46.85
N PRO A 38 15.89 -10.76 45.54
CA PRO A 38 16.54 -11.63 44.54
C PRO A 38 18.00 -11.24 44.34
N MET A 39 18.79 -11.46 45.40
CA MET A 39 20.19 -11.07 45.47
C MET A 39 21.09 -12.29 45.46
N GLY A 40 22.38 -12.03 45.20
CA GLY A 40 23.41 -13.05 45.27
C GLY A 40 23.09 -14.28 44.42
N PRO A 41 22.95 -15.43 45.08
CA PRO A 41 22.58 -16.65 44.35
C PRO A 41 21.19 -16.59 43.75
N ARG A 42 20.35 -15.65 44.19
CA ARG A 42 18.98 -15.49 43.70
C ARG A 42 18.86 -14.53 42.50
N ARG A 43 19.94 -13.85 42.12
CA ARG A 43 19.93 -13.15 40.84
C ARG A 43 19.55 -14.14 39.75
N PHE A 44 18.61 -13.72 38.88
CA PHE A 44 18.06 -14.44 37.73
C PHE A 44 17.04 -15.52 38.07
N LEU A 45 16.75 -15.79 39.34
CA LEU A 45 15.82 -16.87 39.62
C LEU A 45 14.41 -16.31 39.84
N PRO A 46 13.39 -17.15 39.67
CA PRO A 46 12.02 -16.70 39.95
C PRO A 46 11.89 -16.14 41.35
N PRO A 47 10.99 -15.18 41.53
CA PRO A 47 10.83 -14.63 42.87
C PRO A 47 10.30 -15.72 43.77
N GLU A 48 10.77 -15.70 44.93
CA GLU A 48 10.49 -16.55 46.06
C GLU A 48 9.70 -15.73 47.08
N PRO A 49 8.56 -16.22 47.55
CA PRO A 49 7.72 -15.39 48.43
C PRO A 49 8.40 -14.88 49.72
N LYS A 50 7.97 -13.70 50.16
CA LYS A 50 8.59 -13.08 51.32
C LYS A 50 8.30 -13.90 52.58
N GLN A 51 9.35 -14.17 53.37
N GLN A 51 9.35 -14.15 53.37
CA GLN A 51 9.16 -14.90 54.61
CA GLN A 51 9.00 -14.95 54.54
C GLN A 51 8.49 -14.00 55.67
C GLN A 51 8.53 -14.04 55.68
N PRO A 52 7.58 -14.53 56.48
CA PRO A 52 6.90 -13.68 57.47
C PRO A 52 7.86 -13.14 58.50
N TRP A 53 7.46 -12.03 59.11
CA TRP A 53 8.30 -11.25 60.01
C TRP A 53 7.54 -11.00 61.31
N SER A 54 8.30 -10.86 62.38
CA SER A 54 7.72 -10.42 63.64
C SER A 54 7.83 -8.90 63.74
N GLY A 55 6.95 -8.31 64.55
CA GLY A 55 6.95 -6.86 64.67
C GLY A 55 6.24 -6.20 63.51
N VAL A 56 6.51 -4.90 63.36
CA VAL A 56 5.76 -4.05 62.44
C VAL A 56 6.71 -3.44 61.42
N VAL A 57 6.53 -3.81 60.14
CA VAL A 57 7.28 -3.19 59.04
C VAL A 57 6.74 -1.80 58.76
N ASP A 58 7.64 -0.82 58.69
CA ASP A 58 7.29 0.53 58.27
C ASP A 58 7.16 0.57 56.75
N ALA A 59 5.94 0.64 56.23
CA ALA A 59 5.73 0.79 54.79
C ALA A 59 5.38 2.24 54.51
N THR A 60 6.37 3.09 54.67
CA THR A 60 6.12 4.52 54.71
C THR A 60 6.83 5.31 53.63
N THR A 61 7.60 4.67 52.75
CA THR A 61 8.18 5.39 51.63
C THR A 61 8.39 4.40 50.49
N PHE A 62 8.61 4.93 49.29
CA PHE A 62 8.93 4.06 48.17
C PHE A 62 10.27 3.39 48.42
N GLN A 63 10.36 2.09 48.06
CA GLN A 63 11.61 1.36 48.18
C GLN A 63 12.46 1.62 46.95
N SER A 64 13.46 0.78 46.72
CA SER A 64 14.47 1.12 45.75
C SER A 64 14.05 0.73 44.32
N VAL A 65 14.62 1.41 43.35
CA VAL A 65 14.37 1.17 41.95
C VAL A 65 15.17 -0.03 41.50
N CYS A 66 14.63 -0.90 40.69
CA CYS A 66 15.43 -2.05 40.31
C CYS A 66 16.51 -1.60 39.34
N TYR A 67 17.61 -2.35 39.30
CA TYR A 67 18.77 -1.87 38.56
C TYR A 67 18.42 -1.69 37.09
N GLN A 68 18.76 -0.52 36.56
CA GLN A 68 18.33 -0.21 35.21
C GLN A 68 19.27 0.83 34.64
N TYR A 69 19.31 0.88 33.30
CA TYR A 69 20.00 1.96 32.63
C TYR A 69 19.34 3.29 32.98
N VAL A 70 20.15 4.34 33.07
CA VAL A 70 19.66 5.69 33.36
C VAL A 70 19.88 6.53 32.11
N ASP A 71 18.82 7.21 31.67
CA ASP A 71 18.91 8.01 30.45
C ASP A 71 19.80 9.22 30.64
N THR A 72 20.77 9.40 29.73
CA THR A 72 21.65 10.56 29.81
C THR A 72 21.72 11.37 28.51
N LEU A 73 20.82 11.14 27.55
CA LEU A 73 20.95 11.84 26.28
C LEU A 73 20.74 13.34 26.44
N TYR A 74 19.91 13.76 27.39
CA TYR A 74 19.60 15.17 27.62
C TYR A 74 19.67 15.47 29.12
N PRO A 75 20.87 15.50 29.70
CA PRO A 75 20.99 15.63 31.17
C PRO A 75 20.32 16.90 31.69
N GLY A 76 19.42 16.72 32.65
CA GLY A 76 18.69 17.80 33.27
C GLY A 76 17.34 18.12 32.64
N PHE A 77 17.09 17.65 31.42
CA PHE A 77 15.82 17.89 30.72
C PHE A 77 14.68 17.13 31.41
N GLU A 78 13.63 17.85 31.84
CA GLU A 78 12.51 17.17 32.51
C GLU A 78 11.88 16.09 31.63
N GLY A 79 11.89 16.27 30.31
CA GLY A 79 11.27 15.30 29.43
C GLY A 79 11.89 13.91 29.53
N THR A 80 13.18 13.85 29.87
CA THR A 80 13.78 12.55 30.13
C THR A 80 13.96 12.25 31.61
N GLU A 81 14.23 13.25 32.45
CA GLU A 81 14.51 12.95 33.84
C GLU A 81 13.28 12.42 34.55
N MET A 82 12.08 12.81 34.11
CA MET A 82 10.86 12.36 34.76
C MET A 82 10.65 10.84 34.68
N TRP A 83 11.37 10.15 33.80
CA TRP A 83 11.25 8.71 33.71
C TRP A 83 12.40 7.97 34.37
N ASN A 84 13.49 8.70 34.65
CA ASN A 84 14.67 8.14 35.27
C ASN A 84 14.39 7.82 36.74
N PRO A 85 15.22 6.95 37.36
CA PRO A 85 14.93 6.53 38.75
C PRO A 85 15.01 7.69 39.75
N ASN A 86 14.06 7.70 40.68
CA ASN A 86 14.03 8.65 41.79
C ASN A 86 14.20 7.96 43.17
N ARG A 87 14.84 6.78 43.18
CA ARG A 87 15.38 6.18 44.38
C ARG A 87 16.71 5.51 44.01
N GLU A 88 17.53 5.20 45.02
CA GLU A 88 18.74 4.44 44.77
C GLU A 88 18.43 3.17 44.00
N LEU A 89 19.35 2.77 43.13
CA LEU A 89 19.25 1.46 42.50
C LEU A 89 19.64 0.34 43.46
N SER A 90 18.87 -0.74 43.43
CA SER A 90 19.28 -1.94 44.13
C SER A 90 18.66 -3.17 43.49
N GLU A 91 19.34 -4.30 43.61
CA GLU A 91 18.67 -5.56 43.32
C GLU A 91 17.63 -5.89 44.38
N ASP A 92 17.74 -5.31 45.58
CA ASP A 92 16.75 -5.44 46.63
C ASP A 92 15.64 -4.44 46.33
N CYS A 93 14.72 -4.85 45.47
CA CYS A 93 13.72 -3.93 44.93
C CYS A 93 12.31 -4.48 44.82
N LEU A 94 12.04 -5.69 45.30
CA LEU A 94 10.72 -6.31 45.09
C LEU A 94 9.74 -5.88 46.18
N TYR A 95 9.27 -4.64 46.07
CA TYR A 95 8.30 -4.08 46.99
C TYR A 95 7.10 -3.58 46.20
N LEU A 96 5.95 -3.50 46.86
CA LEU A 96 4.75 -2.99 46.23
C LEU A 96 4.08 -1.95 47.13
N ASN A 97 3.14 -1.22 46.54
CA ASN A 97 2.47 -0.11 47.17
C ASN A 97 0.97 -0.32 47.16
N VAL A 98 0.31 0.08 48.23
CA VAL A 98 -1.14 0.04 48.31
C VAL A 98 -1.58 1.42 48.75
N TRP A 99 -2.44 2.05 47.97
CA TRP A 99 -3.17 3.25 48.38
C TRP A 99 -4.63 2.89 48.59
N THR A 100 -5.22 3.40 49.67
CA THR A 100 -6.60 3.11 50.01
C THR A 100 -7.20 4.35 50.66
N PRO A 101 -8.53 4.53 50.58
CA PRO A 101 -9.15 5.71 51.18
C PRO A 101 -8.97 5.74 52.69
N TYR A 102 -9.09 6.93 53.25
CA TYR A 102 -9.02 7.19 54.69
C TYR A 102 -10.35 7.77 55.13
N PRO A 103 -11.09 7.14 56.05
CA PRO A 103 -10.69 5.85 56.61
C PRO A 103 -10.89 4.68 55.64
N ARG A 104 -10.23 3.57 55.95
CA ARG A 104 -10.28 2.40 55.09
C ARG A 104 -11.73 2.01 54.82
N PRO A 105 -12.06 1.57 53.61
CA PRO A 105 -13.46 1.30 53.31
C PRO A 105 -13.92 0.14 54.17
N THR A 106 -15.19 0.16 54.56
CA THR A 106 -15.71 -0.97 55.29
C THR A 106 -16.48 -1.95 54.40
N SER A 107 -16.82 -1.57 53.16
CA SER A 107 -17.32 -2.54 52.20
C SER A 107 -16.24 -2.81 51.14
N PRO A 108 -16.13 -4.04 50.62
CA PRO A 108 -15.12 -4.34 49.58
C PRO A 108 -15.21 -3.41 48.37
N THR A 109 -14.12 -2.72 48.09
CA THR A 109 -13.83 -1.69 47.11
C THR A 109 -13.01 -2.24 45.94
N PRO A 110 -13.36 -1.87 44.70
CA PRO A 110 -12.64 -2.42 43.54
C PRO A 110 -11.20 -1.91 43.43
N VAL A 111 -10.34 -2.80 42.93
CA VAL A 111 -8.90 -2.64 42.97
C VAL A 111 -8.35 -2.38 41.58
N LEU A 112 -7.54 -1.34 41.44
CA LEU A 112 -6.77 -1.10 40.23
C LEU A 112 -5.31 -1.44 40.54
N VAL A 113 -4.70 -2.28 39.71
CA VAL A 113 -3.30 -2.66 39.88
C VAL A 113 -2.51 -2.14 38.69
N TRP A 114 -1.46 -1.35 38.96
CA TRP A 114 -0.67 -0.68 37.94
C TRP A 114 0.65 -1.39 37.66
N ILE A 115 0.94 -1.63 36.38
CA ILE A 115 2.23 -2.15 35.94
C ILE A 115 2.91 -1.10 35.06
N TYR A 116 4.03 -0.56 35.52
CA TYR A 116 4.71 0.46 34.76
C TYR A 116 5.39 -0.14 33.53
N GLY A 117 5.63 0.72 32.54
CA GLY A 117 6.40 0.37 31.37
C GLY A 117 7.83 0.88 31.47
N GLY A 118 8.45 1.04 30.29
CA GLY A 118 9.88 1.30 30.17
C GLY A 118 10.65 0.23 29.40
N GLY A 119 10.01 -0.35 28.37
CA GLY A 119 10.66 -1.30 27.47
C GLY A 119 11.22 -2.55 28.10
N PHE A 120 10.78 -2.91 29.31
CA PHE A 120 11.30 -4.02 30.10
C PHE A 120 12.74 -3.82 30.56
N TYR A 121 13.34 -2.65 30.33
CA TYR A 121 14.70 -2.40 30.77
C TYR A 121 14.78 -1.32 31.83
N SER A 122 13.67 -0.68 32.18
CA SER A 122 13.67 0.52 33.00
C SER A 122 12.28 0.75 33.60
N GLY A 123 12.23 1.57 34.63
CA GLY A 123 10.98 2.02 35.21
C GLY A 123 10.87 1.71 36.69
N ALA A 124 9.84 2.32 37.31
CA ALA A 124 9.63 2.13 38.75
C ALA A 124 8.24 2.61 39.13
N SER A 125 7.67 1.99 40.18
CA SER A 125 6.40 2.49 40.71
C SER A 125 6.59 3.76 41.52
N SER A 126 7.84 4.16 41.79
CA SER A 126 8.17 5.31 42.62
C SER A 126 7.97 6.63 41.91
N LEU A 127 7.95 6.60 40.58
CA LEU A 127 7.94 7.82 39.78
C LEU A 127 6.75 8.69 40.14
N ASP A 128 6.97 10.01 40.17
CA ASP A 128 5.92 10.95 40.54
C ASP A 128 4.66 10.72 39.73
N VAL A 129 4.83 10.49 38.42
CA VAL A 129 3.70 10.43 37.50
C VAL A 129 2.81 9.21 37.69
N TYR A 130 3.20 8.23 38.52
CA TYR A 130 2.34 7.10 38.85
C TYR A 130 1.80 7.20 40.28
N ASP A 131 1.69 8.43 40.81
CA ASP A 131 1.31 8.61 42.20
C ASP A 131 -0.14 8.18 42.39
N GLY A 132 -0.34 7.18 43.25
CA GLY A 132 -1.66 6.61 43.43
C GLY A 132 -2.64 7.48 44.18
N ARG A 133 -2.19 8.56 44.82
CA ARG A 133 -3.04 9.21 45.81
C ARG A 133 -4.27 9.83 45.16
N PHE A 134 -4.10 10.39 43.96
CA PHE A 134 -5.20 11.11 43.32
C PHE A 134 -6.28 10.16 42.79
N LEU A 135 -5.90 9.05 42.15
CA LEU A 135 -6.94 8.13 41.72
C LEU A 135 -7.77 7.64 42.91
N VAL A 136 -7.13 7.35 44.05
CA VAL A 136 -7.82 6.82 45.22
C VAL A 136 -8.80 7.84 45.79
N GLN A 137 -8.33 9.05 46.03
CA GLN A 137 -9.18 10.06 46.63
C GLN A 137 -10.34 10.50 45.74
N ALA A 138 -10.29 10.30 44.42
CA ALA A 138 -11.32 10.79 43.49
C ALA A 138 -12.39 9.76 43.17
N GLU A 139 -12.01 8.49 43.08
CA GLU A 139 -12.96 7.45 42.65
C GLU A 139 -13.14 6.36 43.70
N ARG A 140 -12.59 6.57 44.88
CA ARG A 140 -12.70 5.66 46.03
C ARG A 140 -12.46 4.22 45.59
N THR A 141 -11.28 3.98 45.03
CA THR A 141 -10.80 2.65 44.70
C THR A 141 -9.52 2.39 45.48
N VAL A 142 -9.13 1.13 45.53
CA VAL A 142 -7.83 0.75 46.04
C VAL A 142 -6.89 0.62 44.86
N LEU A 143 -5.72 1.25 44.97
CA LEU A 143 -4.73 1.20 43.91
C LEU A 143 -3.49 0.48 44.42
N VAL A 144 -2.99 -0.48 43.64
CA VAL A 144 -1.76 -1.21 43.94
C VAL A 144 -0.79 -1.03 42.78
N SER A 145 0.48 -0.74 43.09
CA SER A 145 1.53 -0.83 42.10
C SER A 145 2.64 -1.68 42.68
N MET A 146 3.35 -2.40 41.81
CA MET A 146 4.49 -3.23 42.21
C MET A 146 5.72 -2.90 41.37
N ASN A 147 6.88 -3.09 41.97
CA ASN A 147 8.12 -3.18 41.20
C ASN A 147 8.30 -4.60 40.67
N TYR A 148 8.88 -4.70 39.48
CA TYR A 148 9.31 -5.96 38.90
C TYR A 148 10.69 -5.74 38.31
N ARG A 149 11.52 -6.77 38.40
CA ARG A 149 12.89 -6.68 37.89
C ARG A 149 12.87 -6.41 36.39
N VAL A 150 13.82 -5.62 35.91
CA VAL A 150 13.92 -5.23 34.53
C VAL A 150 15.31 -5.58 34.02
N GLY A 151 15.53 -5.35 32.73
CA GLY A 151 16.79 -5.65 32.06
C GLY A 151 17.19 -7.12 32.17
N ALA A 152 18.51 -7.34 32.23
CA ALA A 152 18.99 -8.70 32.40
C ALA A 152 18.47 -9.31 33.69
N PHE A 153 18.36 -8.50 34.75
CA PHE A 153 17.92 -9.01 36.05
C PHE A 153 16.48 -9.50 36.02
N GLY A 154 15.70 -9.10 35.03
CA GLY A 154 14.33 -9.59 34.96
C GLY A 154 14.03 -10.52 33.80
N PHE A 155 14.83 -10.42 32.73
CA PHE A 155 14.46 -11.07 31.47
C PHE A 155 15.62 -11.69 30.71
N LEU A 156 16.83 -11.66 31.24
CA LEU A 156 17.90 -12.46 30.64
C LEU A 156 17.51 -13.92 30.72
N ALA A 157 17.56 -14.61 29.60
CA ALA A 157 17.13 -15.99 29.54
C ALA A 157 18.16 -16.86 28.83
N LEU A 158 18.55 -17.95 29.48
CA LEU A 158 19.20 -19.08 28.81
C LEU A 158 18.15 -20.20 28.78
N PRO A 159 17.29 -20.24 27.76
CA PRO A 159 16.08 -21.08 27.85
C PRO A 159 16.42 -22.54 28.10
N GLY A 160 15.62 -23.17 28.97
CA GLY A 160 15.80 -24.54 29.36
C GLY A 160 16.59 -24.75 30.66
N SER A 161 17.36 -23.75 31.06
CA SER A 161 18.18 -23.82 32.26
C SER A 161 17.35 -23.48 33.49
N ARG A 162 17.65 -24.13 34.62
CA ARG A 162 17.01 -23.69 35.87
C ARG A 162 17.65 -22.42 36.42
N GLU A 163 18.87 -22.10 36.00
CA GLU A 163 19.60 -21.00 36.64
C GLU A 163 19.26 -19.64 36.08
N ALA A 164 18.78 -19.55 34.83
CA ALA A 164 18.35 -18.29 34.23
C ALA A 164 17.20 -18.59 33.30
N PRO A 165 16.06 -19.01 33.84
CA PRO A 165 14.96 -19.48 32.99
C PRO A 165 14.30 -18.39 32.19
N GLY A 166 14.49 -17.14 32.55
CA GLY A 166 13.82 -16.08 31.84
C GLY A 166 12.43 -15.80 32.40
N ASN A 167 11.91 -14.64 32.01
CA ASN A 167 10.58 -14.16 32.39
C ASN A 167 10.42 -13.95 33.88
N VAL A 168 11.51 -13.83 34.64
CA VAL A 168 11.34 -13.73 36.09
C VAL A 168 10.70 -12.37 36.44
N GLY A 169 10.94 -11.34 35.64
CA GLY A 169 10.25 -10.08 35.84
C GLY A 169 8.74 -10.25 35.79
N LEU A 170 8.26 -11.04 34.83
CA LEU A 170 6.84 -11.35 34.77
C LEU A 170 6.39 -12.10 36.02
N LEU A 171 7.24 -13.01 36.52
CA LEU A 171 6.87 -13.76 37.72
C LEU A 171 6.86 -12.85 38.95
N ASP A 172 7.78 -11.87 39.00
CA ASP A 172 7.63 -10.81 40.01
C ASP A 172 6.23 -10.21 39.95
N GLN A 173 5.79 -9.83 38.75
CA GLN A 173 4.44 -9.30 38.58
C GLN A 173 3.40 -10.30 39.07
N ARG A 174 3.52 -11.56 38.65
CA ARG A 174 2.53 -12.56 39.03
C ARG A 174 2.48 -12.74 40.55
N LEU A 175 3.65 -12.73 41.19
CA LEU A 175 3.71 -12.84 42.65
C LEU A 175 2.98 -11.71 43.32
N ALA A 176 3.19 -10.48 42.84
CA ALA A 176 2.45 -9.36 43.40
C ALA A 176 0.95 -9.55 43.23
N LEU A 177 0.53 -10.07 42.08
CA LEU A 177 -0.90 -10.27 41.86
C LEU A 177 -1.45 -11.32 42.82
N GLN A 178 -0.69 -12.40 43.06
CA GLN A 178 -1.03 -13.36 44.11
C GLN A 178 -1.11 -12.68 45.47
N TRP A 179 -0.14 -11.81 45.77
CA TRP A 179 -0.19 -11.02 46.99
C TRP A 179 -1.50 -10.23 47.09
N VAL A 180 -1.95 -9.65 45.98
CA VAL A 180 -3.17 -8.85 46.01
C VAL A 180 -4.37 -9.71 46.40
N GLN A 181 -4.42 -10.96 45.92
CA GLN A 181 -5.57 -11.83 46.22
C GLN A 181 -5.59 -12.21 47.70
N GLU A 182 -4.43 -12.49 48.29
CA GLU A 182 -4.44 -12.95 49.66
C GLU A 182 -4.53 -11.82 50.68
N ASN A 183 -4.28 -10.57 50.29
CA ASN A 183 -4.11 -9.50 51.27
C ASN A 183 -4.86 -8.21 50.99
N VAL A 184 -5.45 -8.01 49.80
CA VAL A 184 -6.00 -6.70 49.49
C VAL A 184 -7.22 -6.40 50.36
N ALA A 185 -7.94 -7.45 50.78
CA ALA A 185 -9.11 -7.24 51.62
C ALA A 185 -8.74 -6.56 52.93
N ALA A 186 -7.56 -6.90 53.47
CA ALA A 186 -7.05 -6.29 54.69
C ALA A 186 -6.96 -4.76 54.61
N PHE A 187 -6.98 -4.19 53.39
CA PHE A 187 -7.02 -2.76 53.16
C PHE A 187 -8.39 -2.29 52.68
N GLY A 188 -9.38 -3.18 52.62
CA GLY A 188 -10.67 -2.82 52.09
C GLY A 188 -10.85 -3.12 50.61
N GLY A 189 -9.84 -3.65 49.94
CA GLY A 189 -9.98 -4.02 48.55
C GLY A 189 -10.79 -5.30 48.36
N ASP A 190 -11.44 -5.39 47.19
CA ASP A 190 -12.22 -6.56 46.81
C ASP A 190 -11.42 -7.45 45.86
N PRO A 191 -10.90 -8.58 46.31
CA PRO A 191 -10.13 -9.45 45.41
C PRO A 191 -10.95 -10.06 44.28
N THR A 192 -12.27 -9.82 44.26
CA THR A 192 -13.11 -10.33 43.18
C THR A 192 -13.39 -9.30 42.10
N SER A 193 -12.85 -8.06 42.24
CA SER A 193 -12.91 -7.04 41.19
C SER A 193 -11.53 -6.34 41.13
N VAL A 194 -10.56 -6.98 40.48
CA VAL A 194 -9.24 -6.42 40.25
C VAL A 194 -9.04 -6.13 38.77
N THR A 195 -8.63 -4.90 38.46
CA THR A 195 -8.39 -4.45 37.08
C THR A 195 -6.91 -4.13 36.91
N LEU A 196 -6.25 -4.83 35.99
CA LEU A 196 -4.86 -4.52 35.65
C LEU A 196 -4.78 -3.40 34.63
N PHE A 197 -3.90 -2.44 34.85
CA PHE A 197 -3.66 -1.46 33.81
C PHE A 197 -2.19 -1.08 33.82
N GLY A 198 -1.63 -0.88 32.63
CA GLY A 198 -0.24 -0.51 32.42
C GLY A 198 -0.04 0.15 31.07
N GLU A 199 1.19 0.61 30.85
CA GLU A 199 1.55 1.41 29.68
C GLU A 199 2.90 0.89 29.17
N SER A 200 3.21 1.16 27.89
CA SER A 200 4.40 0.64 27.20
C SER A 200 4.54 -0.84 27.55
N ALA A 201 5.68 -1.22 28.14
CA ALA A 201 5.86 -2.62 28.49
C ALA A 201 4.89 -3.06 29.56
N GLY A 202 4.38 -2.13 30.36
CA GLY A 202 3.38 -2.48 31.33
C GLY A 202 2.09 -2.91 30.67
N ALA A 203 1.76 -2.30 29.53
CA ALA A 203 0.58 -2.75 28.80
C ALA A 203 0.84 -4.11 28.16
N ALA A 204 2.03 -4.32 27.58
CA ALA A 204 2.38 -5.62 27.04
C ALA A 204 2.34 -6.71 28.12
N SER A 205 2.72 -6.36 29.36
CA SER A 205 2.68 -7.36 30.43
C SER A 205 1.25 -7.69 30.81
N VAL A 206 0.40 -6.67 30.92
CA VAL A 206 -1.03 -6.92 31.12
C VAL A 206 -1.53 -7.94 30.12
N GLY A 207 -1.12 -7.79 28.85
CA GLY A 207 -1.55 -8.74 27.84
C GLY A 207 -1.00 -10.14 28.06
N MET A 208 0.26 -10.24 28.46
CA MET A 208 0.82 -11.56 28.72
C MET A 208 0.13 -12.24 29.90
N HIS A 209 -0.41 -11.48 30.87
CA HIS A 209 -1.14 -12.13 31.94
C HIS A 209 -2.49 -12.68 31.45
N LEU A 210 -3.09 -12.01 30.45
CA LEU A 210 -4.32 -12.52 29.82
C LEU A 210 -4.10 -13.85 29.14
N LEU A 211 -2.89 -14.09 28.61
CA LEU A 211 -2.62 -15.22 27.74
C LEU A 211 -1.85 -16.33 28.44
N SER A 212 -1.68 -16.24 29.75
CA SER A 212 -1.02 -17.28 30.54
C SER A 212 -1.97 -17.73 31.64
N PRO A 213 -2.53 -18.94 31.57
CA PRO A 213 -3.62 -19.33 32.50
C PRO A 213 -3.31 -19.07 33.96
N PRO A 214 -2.09 -19.37 34.47
CA PRO A 214 -1.84 -19.13 35.92
C PRO A 214 -2.08 -17.71 36.36
N SER A 215 -1.81 -16.71 35.52
CA SER A 215 -2.12 -15.33 35.90
C SER A 215 -3.61 -15.03 35.83
N ARG A 216 -4.38 -15.78 35.03
CA ARG A 216 -5.70 -15.34 34.60
C ARG A 216 -6.76 -15.48 35.70
N GLY A 217 -6.52 -16.30 36.72
CA GLY A 217 -7.42 -16.25 37.87
C GLY A 217 -7.17 -15.15 38.87
N LEU A 218 -6.23 -14.25 38.60
CA LEU A 218 -5.79 -13.22 39.54
C LEU A 218 -6.35 -11.83 39.24
N PHE A 219 -7.15 -11.67 38.19
CA PHE A 219 -7.74 -10.38 37.84
C PHE A 219 -8.93 -10.61 36.90
N HIS A 220 -9.65 -9.52 36.61
CA HIS A 220 -10.96 -9.65 35.97
C HIS A 220 -11.06 -8.80 34.72
N ARG A 221 -10.37 -7.67 34.71
CA ARG A 221 -10.45 -6.71 33.63
C ARG A 221 -9.06 -6.19 33.33
N ALA A 222 -8.89 -5.67 32.12
CA ALA A 222 -7.58 -5.26 31.64
C ALA A 222 -7.68 -3.92 30.93
N VAL A 223 -6.68 -3.07 31.17
CA VAL A 223 -6.47 -1.84 30.40
C VAL A 223 -5.06 -1.88 29.84
N LEU A 224 -4.93 -1.71 28.51
CA LEU A 224 -3.64 -1.68 27.83
C LEU A 224 -3.48 -0.31 27.17
N GLN A 225 -2.51 0.45 27.64
CA GLN A 225 -2.28 1.80 27.14
C GLN A 225 -0.99 1.78 26.33
N SER A 226 -1.12 2.06 25.03
CA SER A 226 0.06 2.23 24.17
C SER A 226 1.06 1.09 24.32
N GLY A 227 0.57 -0.14 24.25
CA GLY A 227 1.44 -1.29 24.28
C GLY A 227 0.59 -2.55 24.22
N ALA A 228 1.22 -3.64 23.79
CA ALA A 228 0.48 -4.87 23.59
C ALA A 228 1.45 -6.03 23.53
N PRO A 229 1.07 -7.22 24.02
CA PRO A 229 2.03 -8.34 24.06
C PRO A 229 2.48 -8.83 22.70
N ASN A 230 1.77 -8.48 21.63
CA ASN A 230 2.13 -8.94 20.30
C ASN A 230 3.02 -7.94 19.57
N GLY A 231 3.37 -6.82 20.20
CA GLY A 231 4.30 -5.89 19.58
C GLY A 231 5.62 -6.53 19.24
N PRO A 232 6.21 -6.14 18.10
CA PRO A 232 7.49 -6.72 17.66
C PRO A 232 8.62 -6.59 18.66
N TRP A 233 8.48 -5.74 19.68
CA TRP A 233 9.54 -5.50 20.64
C TRP A 233 9.34 -6.22 21.98
N ALA A 234 8.13 -6.75 22.22
CA ALA A 234 7.70 -7.23 23.54
C ALA A 234 8.09 -8.67 23.83
N THR A 235 8.36 -9.47 22.81
CA THR A 235 8.83 -10.83 23.05
C THR A 235 10.01 -11.06 22.14
N VAL A 236 10.74 -12.11 22.45
CA VAL A 236 11.89 -12.56 21.68
C VAL A 236 11.84 -14.09 21.67
N GLY A 237 12.39 -14.69 20.61
CA GLY A 237 12.45 -16.13 20.55
C GLY A 237 13.51 -16.71 21.47
N MET A 238 13.41 -18.01 21.70
CA MET A 238 14.37 -18.70 22.57
C MET A 238 15.79 -18.52 22.06
N GLY A 239 16.01 -18.78 20.77
CA GLY A 239 17.36 -18.76 20.24
C GLY A 239 18.00 -17.39 20.33
N GLU A 240 17.25 -16.35 19.95
CA GLU A 240 17.79 -14.99 20.02
C GLU A 240 18.02 -14.56 21.46
N ALA A 241 17.11 -14.93 22.38
CA ALA A 241 17.34 -14.67 23.79
C ALA A 241 18.65 -15.30 24.25
N ARG A 242 18.87 -16.57 23.87
CA ARG A 242 20.10 -17.24 24.26
C ARG A 242 21.32 -16.55 23.67
N ARG A 243 21.21 -16.06 22.43
CA ARG A 243 22.33 -15.38 21.79
C ARG A 243 22.68 -14.09 22.52
N ARG A 244 21.66 -13.36 23.00
CA ARG A 244 21.92 -12.12 23.71
C ARG A 244 22.46 -12.38 25.11
N ALA A 245 21.86 -13.33 25.83
CA ALA A 245 22.38 -13.75 27.11
C ALA A 245 23.85 -14.14 26.99
N THR A 246 24.17 -14.90 25.96
CA THR A 246 25.53 -15.41 25.83
C THR A 246 26.49 -14.28 25.45
N GLN A 247 26.06 -13.36 24.59
N GLN A 247 26.06 -13.35 24.61
CA GLN A 247 26.92 -12.23 24.22
CA GLN A 247 26.96 -12.25 24.25
C GLN A 247 27.14 -11.31 25.42
C GLN A 247 27.15 -11.29 25.41
N LEU A 248 26.09 -11.06 26.21
CA LEU A 248 26.25 -10.28 27.43
C LEU A 248 27.28 -10.94 28.33
N ALA A 249 27.20 -12.26 28.47
CA ALA A 249 28.18 -12.99 29.27
C ALA A 249 29.59 -12.78 28.73
N HIS A 250 29.76 -12.97 27.42
CA HIS A 250 31.10 -12.83 26.85
C HIS A 250 31.64 -11.43 27.07
N LEU A 251 30.79 -10.42 26.92
CA LEU A 251 31.22 -9.04 27.00
C LEU A 251 31.66 -8.62 28.40
N VAL A 252 31.31 -9.38 29.43
CA VAL A 252 31.68 -9.05 30.80
C VAL A 252 32.66 -10.06 31.38
N GLY A 253 33.17 -10.94 30.53
CA GLY A 253 34.25 -11.82 30.93
C GLY A 253 33.82 -13.18 31.42
N CYS A 254 32.71 -13.71 30.92
CA CYS A 254 32.20 -15.00 31.38
C CYS A 254 32.11 -15.97 30.22
N PRO A 255 32.87 -17.10 30.25
CA PRO A 255 33.01 -18.14 29.21
C PRO A 255 31.79 -18.34 28.31
N ASN A 262 28.21 -24.92 29.43
CA ASN A 262 27.48 -25.22 30.68
C ASN A 262 26.73 -23.98 31.16
N ASP A 263 25.39 -24.07 31.15
CA ASP A 263 24.58 -22.92 31.57
C ASP A 263 24.79 -22.56 33.02
N THR A 264 24.84 -23.55 33.91
CA THR A 264 24.98 -23.27 35.34
C THR A 264 26.31 -22.56 35.61
N GLU A 265 27.37 -22.96 34.89
CA GLU A 265 28.65 -22.27 35.06
C GLU A 265 28.62 -20.88 34.44
N LEU A 266 27.83 -20.67 33.41
CA LEU A 266 27.74 -19.34 32.80
C LEU A 266 26.98 -18.38 33.70
N VAL A 267 25.81 -18.80 34.18
CA VAL A 267 25.04 -17.94 35.08
C VAL A 267 25.82 -17.69 36.35
N ALA A 268 26.43 -18.76 36.90
CA ALA A 268 27.31 -18.63 38.05
C ALA A 268 28.30 -17.50 37.88
N CYS A 269 28.92 -17.42 36.70
CA CYS A 269 29.89 -16.37 36.51
C CYS A 269 29.22 -15.01 36.43
N LEU A 270 28.05 -14.94 35.77
CA LEU A 270 27.31 -13.67 35.70
C LEU A 270 26.94 -13.14 37.08
N ARG A 271 26.65 -14.04 38.03
CA ARG A 271 26.23 -13.60 39.37
C ARG A 271 27.35 -12.95 40.17
N THR A 272 28.60 -13.16 39.79
CA THR A 272 29.72 -12.50 40.46
C THR A 272 30.02 -11.14 39.86
N ARG A 273 29.26 -10.73 38.84
CA ARG A 273 29.56 -9.44 38.25
C ARG A 273 28.72 -8.37 38.95
N PRO A 274 29.32 -7.23 39.26
CA PRO A 274 28.53 -6.13 39.83
C PRO A 274 27.36 -5.79 38.91
N ALA A 275 26.20 -5.56 39.52
CA ALA A 275 25.01 -5.18 38.76
C ALA A 275 25.32 -4.09 37.74
N GLN A 276 26.02 -3.02 38.16
CA GLN A 276 26.25 -1.91 37.25
C GLN A 276 27.06 -2.33 36.04
N VAL A 277 27.92 -3.34 36.18
CA VAL A 277 28.66 -3.82 35.01
C VAL A 277 27.72 -4.40 33.97
N LEU A 278 26.71 -5.15 34.43
CA LEU A 278 25.74 -5.72 33.51
C LEU A 278 24.97 -4.63 32.78
N VAL A 279 24.47 -3.65 33.53
CA VAL A 279 23.70 -2.56 32.92
C VAL A 279 24.52 -1.87 31.84
N ASN A 280 25.82 -1.69 32.08
CA ASN A 280 26.70 -0.97 31.14
C ASN A 280 26.80 -1.67 29.81
N HIS A 281 26.60 -2.99 29.77
CA HIS A 281 26.73 -3.72 28.53
C HIS A 281 25.39 -4.11 27.93
N GLU A 282 24.28 -3.65 28.52
CA GLU A 282 22.95 -4.08 28.12
C GLU A 282 22.73 -3.85 26.63
N TRP A 283 22.93 -2.60 26.16
CA TRP A 283 22.53 -2.25 24.80
C TRP A 283 23.40 -2.91 23.74
N HIS A 284 24.57 -3.43 24.09
CA HIS A 284 25.48 -3.97 23.08
C HIS A 284 25.04 -5.31 22.51
N VAL A 285 24.15 -6.05 23.18
CA VAL A 285 23.72 -7.34 22.62
C VAL A 285 22.70 -7.18 21.49
N LEU A 286 22.15 -6.00 21.29
CA LEU A 286 21.13 -5.86 20.26
C LEU A 286 21.76 -6.13 18.90
N PRO A 287 21.14 -6.95 18.04
CA PRO A 287 21.81 -7.36 16.80
C PRO A 287 22.03 -6.23 15.81
N GLN A 288 21.23 -5.16 15.87
CA GLN A 288 21.24 -4.16 14.83
C GLN A 288 21.05 -2.78 15.45
N GLU A 289 21.56 -1.76 14.77
CA GLU A 289 21.20 -0.40 15.09
C GLU A 289 19.69 -0.24 15.01
N SER A 290 19.06 0.33 16.05
CA SER A 290 17.60 0.36 16.06
C SER A 290 17.09 1.42 17.02
N VAL A 291 15.80 1.72 16.87
CA VAL A 291 14.96 2.34 17.90
C VAL A 291 13.80 1.40 18.22
N PHE A 292 13.25 1.57 19.41
CA PHE A 292 12.11 0.76 19.87
C PHE A 292 12.46 -0.74 19.93
N ARG A 293 13.71 -1.05 20.28
CA ARG A 293 14.09 -2.44 20.53
C ARG A 293 14.90 -2.53 21.80
N PHE A 294 14.68 -3.60 22.56
CA PHE A 294 15.23 -3.72 23.91
C PHE A 294 15.82 -5.10 24.11
N SER A 295 16.98 -5.15 24.78
CA SER A 295 17.78 -6.36 24.81
C SER A 295 17.08 -7.51 25.53
N PHE A 296 16.64 -7.29 26.75
CA PHE A 296 16.10 -8.36 27.56
C PHE A 296 14.61 -8.12 27.76
N VAL A 297 13.81 -8.93 27.08
CA VAL A 297 12.36 -8.82 27.07
C VAL A 297 11.77 -10.22 27.32
N PRO A 298 10.44 -10.37 27.50
CA PRO A 298 9.88 -11.72 27.68
C PRO A 298 10.22 -12.64 26.51
N VAL A 299 10.51 -13.91 26.87
CA VAL A 299 10.91 -14.95 25.91
C VAL A 299 9.77 -15.96 25.78
N VAL A 300 9.50 -16.38 24.55
CA VAL A 300 8.43 -17.35 24.25
C VAL A 300 9.05 -18.74 24.27
N ASP A 301 8.85 -19.46 25.38
CA ASP A 301 9.52 -20.73 25.63
C ASP A 301 8.55 -21.84 26.03
N GLY A 302 7.24 -21.61 25.92
CA GLY A 302 6.25 -22.62 26.22
C GLY A 302 5.79 -22.66 27.66
N ASP A 303 6.52 -22.01 28.57
CA ASP A 303 6.11 -21.96 29.96
C ASP A 303 5.15 -20.80 30.18
N PHE A 304 5.68 -19.62 30.52
CA PHE A 304 4.80 -18.49 30.77
C PHE A 304 3.90 -18.22 29.57
N LEU A 305 4.46 -18.27 28.37
CA LEU A 305 3.72 -18.12 27.12
C LEU A 305 3.83 -19.44 26.36
N SER A 306 2.72 -20.14 26.20
CA SER A 306 2.80 -21.43 25.52
C SER A 306 2.98 -21.28 24.01
N ASP A 307 2.67 -20.11 23.47
CA ASP A 307 2.90 -19.80 22.07
C ASP A 307 3.22 -18.32 21.97
N THR A 308 3.41 -17.82 20.75
CA THR A 308 3.58 -16.40 20.60
C THR A 308 2.30 -15.69 21.02
N PRO A 309 2.40 -14.46 21.47
CA PRO A 309 1.19 -13.69 21.78
C PRO A 309 0.17 -13.62 20.62
N GLU A 310 0.60 -13.63 19.35
CA GLU A 310 -0.42 -13.60 18.30
C GLU A 310 -1.20 -14.90 18.22
N ALA A 311 -0.48 -16.02 18.20
CA ALA A 311 -1.14 -17.32 18.18
C ALA A 311 -2.13 -17.46 19.33
N LEU A 312 -1.71 -17.08 20.55
CA LEU A 312 -2.59 -17.23 21.70
C LEU A 312 -3.80 -16.31 21.60
N ILE A 313 -3.63 -15.13 21.02
CA ILE A 313 -4.78 -14.24 20.84
C ILE A 313 -5.71 -14.79 19.78
N ASN A 314 -5.15 -15.12 18.60
CA ASN A 314 -5.95 -15.64 17.50
C ASN A 314 -6.69 -16.91 17.87
N ALA A 315 -6.22 -17.64 18.89
CA ALA A 315 -6.80 -18.93 19.26
C ALA A 315 -7.62 -18.89 20.54
N GLY A 316 -7.79 -17.74 21.15
CA GLY A 316 -8.30 -17.67 22.51
C GLY A 316 -9.80 -17.41 22.50
N ASP A 317 -10.50 -18.02 23.44
CA ASP A 317 -11.89 -17.66 23.71
C ASP A 317 -11.90 -16.66 24.85
N PHE A 318 -12.34 -15.43 24.55
CA PHE A 318 -12.31 -14.32 25.48
C PHE A 318 -13.70 -13.88 25.91
N HIS A 319 -14.68 -14.79 25.91
CA HIS A 319 -16.01 -14.42 26.38
C HIS A 319 -15.95 -14.16 27.88
N GLY A 320 -16.64 -13.12 28.33
CA GLY A 320 -16.60 -12.72 29.72
C GLY A 320 -15.45 -11.82 30.10
N LEU A 321 -14.74 -11.26 29.13
CA LEU A 321 -13.65 -10.33 29.38
C LEU A 321 -14.01 -8.95 28.88
N GLN A 322 -13.78 -7.94 29.72
CA GLN A 322 -13.88 -6.55 29.30
C GLN A 322 -12.48 -5.97 29.25
N VAL A 323 -12.18 -5.20 28.21
CA VAL A 323 -10.85 -4.68 27.95
C VAL A 323 -10.96 -3.23 27.49
N LEU A 324 -10.13 -2.36 28.05
CA LEU A 324 -9.98 -0.98 27.59
C LEU A 324 -8.58 -0.81 27.01
N VAL A 325 -8.48 -0.33 25.76
CA VAL A 325 -7.20 -0.19 25.07
C VAL A 325 -7.13 1.14 24.32
N GLY A 326 -5.91 1.60 24.07
CA GLY A 326 -5.79 2.84 23.31
C GLY A 326 -4.35 3.24 23.08
N VAL A 327 -4.21 4.39 22.43
CA VAL A 327 -2.90 4.89 22.03
C VAL A 327 -2.95 6.41 22.15
N VAL A 328 -1.78 7.03 22.10
CA VAL A 328 -1.68 8.48 22.02
C VAL A 328 -1.54 8.90 20.56
N LYS A 329 -1.62 10.21 20.31
CA LYS A 329 -1.73 10.70 18.93
C LYS A 329 -0.47 10.41 18.14
N ASP A 330 0.69 10.58 18.76
CA ASP A 330 1.98 10.53 18.10
C ASP A 330 2.89 9.51 18.80
N GLU A 331 2.53 8.23 18.70
CA GLU A 331 3.26 7.20 19.44
C GLU A 331 4.75 7.20 19.10
N GLY A 332 5.08 7.41 17.84
CA GLY A 332 6.45 7.18 17.41
C GLY A 332 7.42 8.33 17.53
N SER A 333 6.94 9.55 17.81
CA SER A 333 7.73 10.75 17.62
C SER A 333 9.03 10.77 18.44
N TYR A 334 8.95 10.64 19.75
CA TYR A 334 10.15 10.72 20.55
C TYR A 334 11.15 9.71 20.31
N PHE A 335 10.75 8.59 19.81
CA PHE A 335 11.69 7.50 19.62
C PHE A 335 12.77 7.84 18.61
N LEU A 336 12.48 8.77 17.69
CA LEU A 336 13.37 9.08 16.59
C LEU A 336 14.63 9.82 17.04
N VAL A 337 14.58 10.55 18.14
CA VAL A 337 15.78 11.31 18.50
C VAL A 337 16.75 10.41 19.23
N TYR A 338 16.43 9.12 19.30
CA TYR A 338 17.30 8.11 19.91
C TYR A 338 17.94 7.19 18.89
N GLY A 339 18.17 7.67 17.67
CA GLY A 339 18.96 6.88 16.77
C GLY A 339 18.64 6.96 15.30
N ALA A 340 17.63 7.72 14.95
CA ALA A 340 17.28 7.90 13.54
C ALA A 340 18.03 9.09 12.96
N PRO A 341 18.72 8.92 11.82
CA PRO A 341 19.56 10.00 11.28
C PRO A 341 18.76 11.25 10.99
N GLY A 342 19.30 12.40 11.43
CA GLY A 342 18.75 13.71 11.18
C GLY A 342 17.84 14.27 12.26
N PHE A 343 17.62 13.55 13.34
CA PHE A 343 16.62 13.92 14.33
C PHE A 343 17.24 14.56 15.57
N SER A 344 16.47 15.46 16.18
CA SER A 344 16.87 16.13 17.41
C SER A 344 15.61 16.59 18.10
N LYS A 345 15.61 16.56 19.44
CA LYS A 345 14.55 17.25 20.14
C LYS A 345 14.71 18.76 20.03
N ASP A 346 15.85 19.24 19.50
CA ASP A 346 16.21 20.64 19.62
C ASP A 346 16.10 21.43 18.32
N ASN A 347 15.94 20.76 17.17
CA ASN A 347 15.56 21.44 15.94
C ASN A 347 14.30 20.79 15.38
N GLU A 348 13.84 21.30 14.24
CA GLU A 348 12.59 20.81 13.70
C GLU A 348 12.70 19.40 13.10
N SER A 349 13.92 18.85 12.99
CA SER A 349 14.12 17.50 12.42
C SER A 349 13.43 17.33 11.07
N LEU A 350 13.55 18.35 10.22
CA LEU A 350 13.03 18.26 8.86
C LEU A 350 14.05 17.48 8.02
N ILE A 351 13.90 16.15 8.06
CA ILE A 351 14.87 15.24 7.47
C ILE A 351 14.76 15.26 5.94
N SER A 352 15.82 14.76 5.30
CA SER A 352 15.87 14.53 3.87
C SER A 352 15.32 13.15 3.56
N ARG A 353 15.01 12.93 2.28
CA ARG A 353 14.54 11.62 1.88
C ARG A 353 15.62 10.58 2.15
N ALA A 354 16.88 10.94 1.93
CA ALA A 354 17.94 9.97 2.18
C ALA A 354 17.95 9.58 3.64
N GLU A 355 17.74 10.55 4.53
CA GLU A 355 17.64 10.25 5.95
C GLU A 355 16.39 9.42 6.25
N PHE A 356 15.26 9.79 5.65
CA PHE A 356 14.03 9.00 5.81
C PHE A 356 14.27 7.53 5.48
N LEU A 357 14.84 7.25 4.31
CA LEU A 357 15.08 5.87 3.91
C LEU A 357 16.01 5.17 4.89
N ALA A 358 16.99 5.89 5.43
CA ALA A 358 17.86 5.33 6.45
C ALA A 358 17.07 5.01 7.71
N GLY A 359 16.23 5.94 8.16
CA GLY A 359 15.47 5.74 9.39
C GLY A 359 14.50 4.58 9.32
N VAL A 360 13.98 4.29 8.13
CA VAL A 360 13.07 3.14 8.01
C VAL A 360 13.78 1.84 8.40
N ARG A 361 15.08 1.71 8.10
CA ARG A 361 15.82 0.52 8.51
C ARG A 361 16.12 0.51 9.99
N VAL A 362 16.19 1.69 10.62
CA VAL A 362 16.41 1.73 12.06
C VAL A 362 15.12 1.48 12.80
N GLY A 363 14.00 1.98 12.25
CA GLY A 363 12.70 1.80 12.89
C GLY A 363 12.08 0.45 12.62
N VAL A 364 12.41 -0.16 11.48
CA VAL A 364 11.96 -1.51 11.18
C VAL A 364 13.22 -2.36 11.06
N PRO A 365 13.85 -2.72 12.17
CA PRO A 365 15.10 -3.48 12.10
C PRO A 365 14.84 -4.95 11.79
N GLN A 366 15.89 -5.58 11.25
CA GLN A 366 15.95 -7.04 11.04
C GLN A 366 14.91 -7.57 10.05
N VAL A 367 14.63 -6.80 8.99
CA VAL A 367 13.73 -7.25 7.93
C VAL A 367 14.48 -7.24 6.60
N SER A 368 13.92 -7.97 5.62
CA SER A 368 14.52 -8.09 4.30
C SER A 368 14.45 -6.76 3.55
N ASP A 369 15.39 -6.59 2.60
CA ASP A 369 15.33 -5.38 1.80
C ASP A 369 13.97 -5.23 1.14
N LEU A 370 13.39 -6.35 0.70
CA LEU A 370 12.06 -6.33 0.12
C LEU A 370 11.07 -5.73 1.11
N ALA A 371 11.12 -6.19 2.37
CA ALA A 371 10.24 -5.70 3.41
C ALA A 371 10.45 -4.21 3.63
N ALA A 372 11.72 -3.78 3.66
CA ALA A 372 12.01 -2.36 3.82
C ALA A 372 11.35 -1.54 2.73
N GLU A 373 11.43 -2.02 1.48
CA GLU A 373 10.80 -1.36 0.33
C GLU A 373 9.29 -1.31 0.48
N ALA A 374 8.67 -2.41 0.92
CA ALA A 374 7.22 -2.40 1.13
C ALA A 374 6.82 -1.30 2.11
N VAL A 375 7.65 -1.05 3.14
CA VAL A 375 7.39 0.04 4.08
C VAL A 375 7.52 1.40 3.38
N VAL A 376 8.60 1.57 2.61
CA VAL A 376 8.83 2.85 1.94
C VAL A 376 7.67 3.17 1.01
N LEU A 377 7.11 2.14 0.36
CA LEU A 377 5.98 2.35 -0.55
C LEU A 377 4.76 2.88 0.18
N HIS A 378 4.34 2.21 1.26
CA HIS A 378 3.11 2.63 1.95
C HIS A 378 3.24 3.96 2.68
N TYR A 379 4.45 4.45 2.93
CA TYR A 379 4.58 5.64 3.74
C TYR A 379 5.13 6.83 2.96
N THR A 380 5.40 6.66 1.68
CA THR A 380 5.75 7.77 0.81
C THR A 380 4.50 8.36 0.19
N ASP A 381 4.41 9.67 0.16
CA ASP A 381 3.43 10.36 -0.70
C ASP A 381 4.16 10.65 -2.01
N TRP A 382 3.78 9.96 -3.07
CA TRP A 382 4.55 10.03 -4.30
C TRP A 382 4.29 11.30 -5.11
N LEU A 383 3.35 12.15 -4.68
CA LEU A 383 3.27 13.52 -5.19
C LEU A 383 4.13 14.49 -4.40
N HIS A 384 4.61 14.08 -3.22
CA HIS A 384 5.53 14.88 -2.42
C HIS A 384 6.58 13.96 -1.79
N PRO A 385 7.35 13.23 -2.60
CA PRO A 385 8.23 12.22 -2.02
C PRO A 385 9.36 12.80 -1.18
N GLU A 386 9.65 14.10 -1.27
CA GLU A 386 10.80 14.67 -0.57
C GLU A 386 10.45 15.84 0.34
N ASP A 387 9.19 16.05 0.66
CA ASP A 387 8.82 17.12 1.59
C ASP A 387 9.41 16.77 2.97
N PRO A 388 10.31 17.58 3.50
CA PRO A 388 10.93 17.22 4.80
C PRO A 388 9.92 17.04 5.92
N ALA A 389 8.93 17.92 6.02
CA ALA A 389 7.94 17.78 7.10
C ALA A 389 7.12 16.51 6.94
N ARG A 390 6.63 16.22 5.72
CA ARG A 390 5.89 14.98 5.48
C ARG A 390 6.74 13.76 5.79
N LEU A 391 8.04 13.82 5.48
CA LEU A 391 8.94 12.72 5.76
C LEU A 391 9.10 12.52 7.27
N ARG A 392 9.22 13.60 8.02
CA ARG A 392 9.30 13.50 9.47
C ARG A 392 8.05 12.85 10.05
N GLU A 393 6.88 13.35 9.63
CA GLU A 393 5.62 12.79 10.12
C GLU A 393 5.49 11.33 9.72
N ALA A 394 6.07 10.94 8.59
CA ALA A 394 5.89 9.59 8.10
C ALA A 394 6.77 8.60 8.86
N LEU A 395 8.02 8.97 9.16
CA LEU A 395 8.85 8.08 9.97
C LEU A 395 8.25 7.90 11.36
N SER A 396 7.68 8.97 11.93
CA SER A 396 6.99 8.82 13.21
C SER A 396 5.89 7.78 13.09
N ASP A 397 5.09 7.85 12.01
CA ASP A 397 4.01 6.88 11.80
C ASP A 397 4.55 5.48 11.59
N VAL A 398 5.67 5.32 10.86
CA VAL A 398 6.25 3.99 10.70
C VAL A 398 6.53 3.40 12.06
N VAL A 399 7.26 4.15 12.90
CA VAL A 399 7.69 3.61 14.17
C VAL A 399 6.50 3.40 15.10
N GLY A 400 5.58 4.36 15.14
CA GLY A 400 4.43 4.23 16.01
C GLY A 400 3.46 3.15 15.56
N ASP A 401 3.22 3.04 14.24
CA ASP A 401 2.27 2.05 13.74
C ASP A 401 2.79 0.63 13.92
N HIS A 402 4.07 0.41 13.59
CA HIS A 402 4.67 -0.91 13.65
C HIS A 402 4.80 -1.39 15.08
N ASN A 403 5.15 -0.51 16.00
CA ASN A 403 5.47 -0.91 17.36
C ASN A 403 4.29 -0.80 18.33
N VAL A 404 3.33 0.08 18.07
CA VAL A 404 2.26 0.28 19.03
C VAL A 404 0.88 0.18 18.38
N VAL A 405 0.56 1.11 17.46
CA VAL A 405 -0.83 1.27 17.04
C VAL A 405 -1.39 -0.01 16.42
N CYS A 406 -0.61 -0.70 15.62
CA CYS A 406 -1.20 -1.81 14.88
C CYS A 406 -1.22 -3.09 15.73
N PRO A 407 -0.19 -3.34 16.53
CA PRO A 407 -0.34 -4.36 17.60
C PRO A 407 -1.55 -4.18 18.49
N VAL A 408 -1.79 -2.97 18.99
CA VAL A 408 -2.96 -2.71 19.82
C VAL A 408 -4.25 -2.91 19.02
N ALA A 409 -4.30 -2.41 17.78
CA ALA A 409 -5.49 -2.63 16.94
C ALA A 409 -5.72 -4.12 16.64
N GLN A 410 -4.66 -4.85 16.33
CA GLN A 410 -4.83 -6.28 16.13
C GLN A 410 -5.36 -6.94 17.38
N LEU A 411 -4.73 -6.65 18.53
CA LEU A 411 -5.22 -7.17 19.80
C LEU A 411 -6.69 -6.85 20.00
N ALA A 412 -7.06 -5.57 19.80
CA ALA A 412 -8.44 -5.14 20.03
C ALA A 412 -9.42 -5.91 19.16
N GLY A 413 -9.14 -5.96 17.85
CA GLY A 413 -10.08 -6.58 16.93
C GLY A 413 -10.23 -8.06 17.14
N ARG A 414 -9.13 -8.78 17.36
CA ARG A 414 -9.22 -10.21 17.59
C ARG A 414 -9.96 -10.51 18.89
N LEU A 415 -9.67 -9.77 19.95
CA LEU A 415 -10.40 -9.98 21.20
C LEU A 415 -11.88 -9.74 21.01
N ALA A 416 -12.24 -8.63 20.37
CA ALA A 416 -13.65 -8.31 20.17
C ALA A 416 -14.33 -9.43 19.40
N ALA A 417 -13.72 -9.86 18.30
CA ALA A 417 -14.30 -10.89 17.44
C ALA A 417 -14.43 -12.26 18.09
N GLN A 418 -13.80 -12.50 19.24
CA GLN A 418 -13.88 -13.80 19.91
C GLN A 418 -14.48 -13.73 21.30
N GLY A 419 -15.33 -12.74 21.56
CA GLY A 419 -16.18 -12.79 22.72
C GLY A 419 -16.00 -11.68 23.75
N ALA A 420 -14.95 -10.88 23.60
CA ALA A 420 -14.61 -9.88 24.60
C ALA A 420 -15.34 -8.59 24.32
N ARG A 421 -15.64 -7.83 25.38
CA ARG A 421 -16.13 -6.47 25.25
C ARG A 421 -14.92 -5.54 25.28
N VAL A 422 -14.73 -4.78 24.21
CA VAL A 422 -13.52 -3.98 24.01
C VAL A 422 -13.92 -2.52 23.89
N TYR A 423 -13.19 -1.63 24.56
CA TYR A 423 -13.31 -0.20 24.36
C TYR A 423 -11.94 0.35 23.93
N ALA A 424 -11.95 1.26 22.95
CA ALA A 424 -10.70 1.78 22.41
C ALA A 424 -10.69 3.30 22.38
N TYR A 425 -9.51 3.88 22.62
CA TYR A 425 -9.37 5.33 22.71
C TYR A 425 -8.12 5.75 21.95
N VAL A 426 -8.16 6.99 21.42
CA VAL A 426 -6.96 7.70 20.99
C VAL A 426 -6.89 8.98 21.82
N PHE A 427 -5.75 9.16 22.50
CA PHE A 427 -5.55 10.26 23.43
C PHE A 427 -4.86 11.38 22.69
N GLU A 428 -5.53 12.53 22.56
CA GLU A 428 -5.11 13.58 21.62
C GLU A 428 -4.78 14.91 22.27
N HIS A 429 -4.61 14.98 23.58
CA HIS A 429 -4.33 16.24 24.24
C HIS A 429 -2.83 16.35 24.55
N ARG A 430 -2.21 17.39 24.03
CA ARG A 430 -0.82 17.68 24.36
C ARG A 430 -0.79 18.52 25.62
N ALA A 431 -0.09 18.03 26.65
CA ALA A 431 -0.12 18.68 27.96
C ALA A 431 0.50 20.07 27.86
N SER A 432 -0.10 21.02 28.58
CA SER A 432 0.46 22.37 28.61
C SER A 432 1.88 22.37 29.16
N THR A 433 2.20 21.40 30.01
CA THR A 433 3.49 21.36 30.71
C THR A 433 4.57 20.67 29.91
N LEU A 434 4.24 20.13 28.74
CA LEU A 434 5.17 19.27 28.04
C LEU A 434 6.41 20.05 27.66
N SER A 435 7.57 19.43 27.78
CA SER A 435 8.83 20.08 27.44
C SER A 435 9.49 19.50 26.20
N TRP A 436 8.95 18.41 25.64
CA TRP A 436 9.41 17.93 24.36
C TRP A 436 8.99 18.91 23.28
N PRO A 437 9.69 18.95 22.15
CA PRO A 437 9.38 19.96 21.12
C PRO A 437 7.99 19.77 20.54
N LEU A 438 7.47 20.88 20.00
CA LEU A 438 6.10 20.88 19.50
C LEU A 438 5.89 19.86 18.36
N TRP A 439 6.93 19.55 17.57
CA TRP A 439 6.69 18.65 16.45
C TRP A 439 6.42 17.21 16.87
N MET A 440 6.75 16.83 18.10
CA MET A 440 6.50 15.46 18.52
C MET A 440 5.03 15.20 18.88
N GLY A 441 4.21 16.25 18.90
CA GLY A 441 2.77 16.03 19.10
C GLY A 441 2.45 15.61 20.53
N VAL A 442 1.65 14.55 20.65
CA VAL A 442 1.39 13.93 21.94
C VAL A 442 2.24 12.67 22.02
N PRO A 443 3.41 12.72 22.66
CA PRO A 443 4.34 11.58 22.60
C PRO A 443 3.92 10.40 23.48
N HIS A 444 4.59 9.28 23.23
CA HIS A 444 4.34 8.05 23.95
C HIS A 444 4.60 8.20 25.45
N GLY A 445 3.53 8.02 26.23
CA GLY A 445 3.60 8.12 27.67
C GLY A 445 2.93 9.33 28.27
N TYR A 446 2.56 10.33 27.49
CA TYR A 446 2.08 11.57 28.07
C TYR A 446 0.57 11.62 28.20
N GLU A 447 -0.08 10.47 28.25
CA GLU A 447 -1.43 10.35 28.75
C GLU A 447 -1.45 9.86 30.19
N ILE A 448 -0.35 9.24 30.66
CA ILE A 448 -0.35 8.65 31.98
C ILE A 448 -0.64 9.68 33.05
N GLU A 449 -0.02 10.86 32.94
CA GLU A 449 -0.19 11.85 34.00
C GLU A 449 -1.66 12.25 34.16
N PHE A 450 -2.42 12.25 33.07
CA PHE A 450 -3.83 12.59 33.19
C PHE A 450 -4.65 11.43 33.76
N ILE A 451 -4.30 10.18 33.45
CA ILE A 451 -5.04 9.05 34.02
C ILE A 451 -4.86 9.02 35.54
N PHE A 452 -3.63 9.30 36.02
CA PHE A 452 -3.32 9.29 37.44
C PHE A 452 -3.75 10.58 38.15
N GLY A 453 -4.22 11.58 37.43
CA GLY A 453 -4.76 12.77 38.06
C GLY A 453 -3.74 13.78 38.54
N ILE A 454 -2.50 13.66 38.08
CA ILE A 454 -1.39 14.54 38.49
C ILE A 454 -1.78 16.01 38.38
N PRO A 455 -2.58 16.44 37.38
CA PRO A 455 -3.00 17.86 37.34
C PRO A 455 -3.70 18.37 38.60
N LEU A 456 -4.30 17.51 39.42
CA LEU A 456 -4.92 17.95 40.66
C LEU A 456 -3.90 18.42 41.70
N ASP A 457 -2.65 18.03 41.55
CA ASP A 457 -1.59 18.55 42.40
C ASP A 457 -1.56 20.07 42.25
N PRO A 458 -1.79 20.84 43.33
CA PRO A 458 -1.75 22.30 43.17
C PRO A 458 -0.37 22.82 42.84
N SER A 459 0.68 22.22 43.43
CA SER A 459 2.06 22.61 43.16
C SER A 459 2.45 22.55 41.69
N ARG A 460 1.65 21.88 40.85
CA ARG A 460 1.95 21.77 39.43
C ARG A 460 1.04 22.68 38.61
N ASN A 461 1.60 23.21 37.53
CA ASN A 461 1.00 24.36 36.86
C ASN A 461 0.21 23.90 35.62
N TYR A 462 -0.76 23.02 35.84
CA TYR A 462 -1.71 22.69 34.79
C TYR A 462 -2.82 23.73 34.77
N THR A 463 -3.61 23.72 33.69
CA THR A 463 -4.69 24.67 33.56
C THR A 463 -5.93 24.13 34.25
N ALA A 464 -6.90 25.02 34.47
CA ALA A 464 -8.15 24.55 35.06
C ALA A 464 -8.86 23.57 34.13
N GLU A 465 -8.69 23.71 32.80
CA GLU A 465 -9.32 22.76 31.88
C GLU A 465 -8.65 21.38 31.94
N GLU A 466 -7.33 21.34 32.07
CA GLU A 466 -6.65 20.05 32.19
C GLU A 466 -7.06 19.32 33.47
N LYS A 467 -7.28 20.06 34.57
CA LYS A 467 -7.75 19.44 35.80
C LYS A 467 -9.12 18.80 35.60
N ILE A 468 -10.04 19.50 34.94
CA ILE A 468 -11.35 18.91 34.64
C ILE A 468 -11.18 17.70 33.72
N PHE A 469 -10.32 17.82 32.70
CA PHE A 469 -10.05 16.69 31.81
C PHE A 469 -9.53 15.49 32.58
N ALA A 470 -8.57 15.72 33.49
CA ALA A 470 -8.03 14.64 34.29
C ALA A 470 -9.11 13.96 35.13
N GLN A 471 -10.03 14.75 35.69
CA GLN A 471 -11.10 14.15 36.49
C GLN A 471 -12.02 13.31 35.63
N ARG A 472 -12.28 13.75 34.39
CA ARG A 472 -13.13 12.98 33.49
C ARG A 472 -12.51 11.64 33.14
N LEU A 473 -11.20 11.63 32.87
CA LEU A 473 -10.50 10.40 32.52
C LEU A 473 -10.51 9.44 33.69
N MET A 474 -10.20 9.94 34.89
CA MET A 474 -10.21 9.08 36.07
C MET A 474 -11.57 8.42 36.26
N ARG A 475 -12.65 9.15 35.97
CA ARG A 475 -13.98 8.55 36.05
C ARG A 475 -14.15 7.43 35.04
N TYR A 476 -13.71 7.65 33.78
CA TYR A 476 -13.78 6.62 32.76
C TYR A 476 -13.06 5.35 33.20
N TRP A 477 -11.78 5.50 33.59
CA TRP A 477 -10.99 4.35 34.01
C TRP A 477 -11.62 3.65 35.21
N ALA A 478 -12.02 4.43 36.22
CA ALA A 478 -12.61 3.83 37.42
C ALA A 478 -13.95 3.19 37.12
N ASN A 479 -14.76 3.84 36.28
CA ASN A 479 -15.98 3.20 35.80
C ASN A 479 -15.67 1.88 35.12
N PHE A 480 -14.65 1.85 34.27
CA PHE A 480 -14.31 0.58 33.64
C PHE A 480 -13.92 -0.44 34.69
N ALA A 481 -13.16 -0.01 35.70
CA ALA A 481 -12.74 -0.92 36.75
C ALA A 481 -13.93 -1.51 37.50
N ARG A 482 -14.91 -0.71 37.89
CA ARG A 482 -16.03 -1.28 38.65
C ARG A 482 -17.06 -2.00 37.79
N THR A 483 -17.40 -1.49 36.62
CA THR A 483 -18.47 -2.10 35.84
C THR A 483 -18.01 -2.85 34.61
N GLY A 484 -16.79 -2.61 34.11
CA GLY A 484 -16.38 -3.10 32.82
C GLY A 484 -16.83 -2.26 31.65
N ASP A 485 -17.38 -1.07 31.91
CA ASP A 485 -17.96 -0.17 30.94
C ASP A 485 -17.60 1.24 31.40
N PRO A 486 -16.85 2.00 30.60
CA PRO A 486 -16.40 3.31 31.05
C PRO A 486 -17.49 4.37 31.14
N ASN A 487 -18.71 4.08 30.69
CA ASN A 487 -19.72 5.14 30.54
C ASN A 487 -20.47 5.50 31.82
N PRO A 495 -22.53 12.01 26.07
CA PRO A 495 -22.27 11.23 24.84
C PRO A 495 -21.60 9.93 25.19
N GLN A 496 -21.88 8.88 24.43
CA GLN A 496 -21.57 7.54 24.89
C GLN A 496 -20.40 6.96 24.11
N TRP A 497 -19.66 6.10 24.78
CA TRP A 497 -18.43 5.52 24.26
C TRP A 497 -18.74 4.11 23.80
N PRO A 498 -18.75 3.84 22.50
CA PRO A 498 -19.24 2.54 22.01
C PRO A 498 -18.16 1.48 22.06
N PRO A 499 -18.55 0.22 22.19
CA PRO A 499 -17.58 -0.88 22.10
C PRO A 499 -16.84 -0.90 20.76
N TYR A 500 -15.57 -1.28 20.83
CA TYR A 500 -14.77 -1.54 19.63
C TYR A 500 -15.07 -2.94 19.10
N THR A 501 -15.45 -3.02 17.83
CA THR A 501 -15.68 -4.28 17.12
C THR A 501 -14.83 -4.35 15.86
N ALA A 502 -14.58 -5.58 15.38
CA ALA A 502 -13.70 -5.78 14.22
C ALA A 502 -14.25 -5.14 12.96
N GLY A 503 -15.57 -5.15 12.79
CA GLY A 503 -16.18 -4.47 11.68
C GLY A 503 -16.17 -2.96 11.78
N ALA A 504 -16.93 -2.42 12.73
CA ALA A 504 -17.11 -0.97 12.75
C ALA A 504 -15.86 -0.25 13.26
N GLN A 505 -15.06 -0.93 14.10
CA GLN A 505 -13.81 -0.41 14.63
C GLN A 505 -13.95 0.99 15.23
N GLN A 506 -14.96 1.15 16.08
CA GLN A 506 -15.19 2.45 16.70
C GLN A 506 -14.27 2.69 17.90
N TYR A 507 -13.77 3.92 18.02
CA TYR A 507 -12.97 4.40 19.13
C TYR A 507 -13.38 5.84 19.45
N VAL A 508 -12.97 6.33 20.62
CA VAL A 508 -13.25 7.71 21.00
C VAL A 508 -11.95 8.49 21.13
N SER A 509 -12.05 9.80 20.93
CA SER A 509 -10.93 10.71 21.10
C SER A 509 -11.01 11.34 22.47
N LEU A 510 -9.92 11.25 23.22
CA LEU A 510 -9.85 11.84 24.54
C LEU A 510 -9.05 13.14 24.45
N ASP A 511 -9.73 14.26 24.63
CA ASP A 511 -9.09 15.57 24.73
C ASP A 511 -10.07 16.50 25.44
N LEU A 512 -9.78 17.81 25.40
CA LEU A 512 -10.57 18.78 26.15
C LEU A 512 -11.98 18.93 25.61
N ARG A 513 -12.25 18.53 24.38
CA ARG A 513 -13.57 18.54 23.78
C ARG A 513 -14.31 17.26 24.17
N PRO A 514 -15.64 17.23 24.06
CA PRO A 514 -16.37 16.02 24.46
C PRO A 514 -16.04 14.86 23.54
N LEU A 515 -16.39 13.65 24.01
CA LEU A 515 -16.16 12.43 23.25
C LEU A 515 -16.61 12.62 21.81
N GLU A 516 -15.73 12.25 20.88
CA GLU A 516 -16.04 12.16 19.46
C GLU A 516 -15.75 10.74 19.01
N VAL A 517 -16.76 10.07 18.41
CA VAL A 517 -16.57 8.70 17.92
C VAL A 517 -15.98 8.72 16.51
N ARG A 518 -14.99 7.86 16.27
CA ARG A 518 -14.32 7.78 14.98
C ARG A 518 -14.18 6.31 14.60
N ARG A 519 -13.74 6.05 13.36
CA ARG A 519 -13.60 4.67 12.89
C ARG A 519 -12.15 4.37 12.50
N GLY A 520 -11.69 3.18 12.87
CA GLY A 520 -10.40 2.66 12.45
C GLY A 520 -9.17 3.17 13.16
N LEU A 521 -8.45 2.28 13.83
CA LEU A 521 -7.13 2.63 14.39
C LEU A 521 -6.12 2.47 13.27
N ARG A 522 -5.93 3.56 12.53
N ARG A 522 -5.89 3.56 12.53
CA ARG A 522 -5.07 3.61 11.34
CA ARG A 522 -5.02 3.58 11.35
C ARG A 522 -5.26 2.36 10.49
C ARG A 522 -5.25 2.35 10.47
N ALA A 523 -6.53 2.13 10.11
CA ALA A 523 -6.93 0.87 9.46
C ALA A 523 -6.13 0.59 8.19
N GLN A 524 -5.96 1.59 7.31
CA GLN A 524 -5.21 1.36 6.08
C GLN A 524 -3.77 0.98 6.36
N ALA A 525 -3.13 1.66 7.31
CA ALA A 525 -1.74 1.32 7.65
C ALA A 525 -1.67 -0.05 8.33
N CYS A 526 -2.62 -0.33 9.20
CA CYS A 526 -2.46 -1.51 10.04
C CYS A 526 -2.84 -2.77 9.30
N ALA A 527 -3.57 -2.63 8.19
CA ALA A 527 -3.71 -3.76 7.27
C ALA A 527 -2.37 -4.15 6.69
N PHE A 528 -1.53 -3.17 6.40
CA PHE A 528 -0.19 -3.48 5.92
C PHE A 528 0.59 -4.27 6.97
N TRP A 529 0.59 -3.78 8.22
CA TRP A 529 1.44 -4.38 9.25
C TRP A 529 0.90 -5.72 9.75
N ASN A 530 -0.43 -5.84 9.86
CA ASN A 530 -1.05 -7.02 10.45
C ASN A 530 -1.49 -8.07 9.44
N ARG A 531 -1.91 -7.67 8.24
CA ARG A 531 -2.41 -8.62 7.25
C ARG A 531 -1.37 -8.97 6.19
N PHE A 532 -0.71 -7.98 5.59
CA PHE A 532 0.19 -8.26 4.47
C PHE A 532 1.62 -8.59 4.90
N LEU A 533 2.24 -7.71 5.69
CA LEU A 533 3.68 -7.85 5.93
C LEU A 533 4.09 -9.19 6.54
N PRO A 534 3.32 -9.82 7.42
CA PRO A 534 3.69 -11.18 7.82
C PRO A 534 3.83 -12.12 6.62
N LYS A 535 2.88 -12.12 5.68
CA LYS A 535 2.95 -13.00 4.53
C LYS A 535 4.23 -12.77 3.73
N LEU A 536 4.60 -11.51 3.56
CA LEU A 536 5.83 -11.16 2.85
C LEU A 536 7.08 -11.65 3.58
N LEU A 537 7.04 -11.67 4.91
CA LEU A 537 8.18 -12.12 5.73
C LEU A 537 8.39 -13.64 5.73
N SER A 538 7.38 -14.44 5.39
CA SER A 538 7.54 -15.89 5.23
C SER A 538 7.97 -16.31 3.82
N ALA A 539 8.06 -15.39 2.86
CA ALA A 539 8.45 -15.74 1.49
C ALA A 539 9.39 -14.71 0.84
N GLU B 1 -13.97 13.50 -65.75
CA GLU B 1 -13.35 12.96 -64.53
C GLU B 1 -12.58 14.05 -63.81
N ASP B 2 -12.52 13.93 -62.48
CA ASP B 2 -11.96 14.94 -61.58
C ASP B 2 -10.49 14.68 -61.31
N ALA B 3 -9.62 15.58 -61.82
CA ALA B 3 -8.17 15.38 -61.71
C ALA B 3 -7.69 15.40 -60.27
N GLU B 4 -8.41 16.07 -59.37
CA GLU B 4 -8.02 16.08 -57.96
C GLU B 4 -8.08 14.69 -57.34
N LEU B 5 -8.79 13.75 -57.97
CA LEU B 5 -8.94 12.39 -57.45
C LEU B 5 -8.13 11.35 -58.23
N LEU B 6 -7.15 11.80 -59.03
CA LEU B 6 -6.20 10.91 -59.67
C LEU B 6 -4.81 11.18 -59.12
N VAL B 7 -4.17 10.15 -58.58
CA VAL B 7 -2.83 10.26 -58.01
C VAL B 7 -1.97 9.17 -58.59
N THR B 8 -0.72 9.49 -58.89
CA THR B 8 0.26 8.48 -59.27
C THR B 8 1.23 8.29 -58.11
N VAL B 9 1.31 7.07 -57.59
CA VAL B 9 2.28 6.70 -56.60
C VAL B 9 3.24 5.71 -57.23
N ARG B 10 4.29 5.34 -56.48
CA ARG B 10 5.38 4.60 -57.10
C ARG B 10 4.90 3.29 -57.72
N GLY B 11 3.80 2.73 -57.22
CA GLY B 11 3.33 1.48 -57.76
C GLY B 11 2.47 1.62 -59.00
N GLY B 12 1.87 2.78 -59.21
CA GLY B 12 0.92 2.95 -60.30
C GLY B 12 -0.05 4.08 -60.00
N ARG B 13 -1.14 4.07 -60.75
CA ARG B 13 -2.14 5.12 -60.72
C ARG B 13 -3.31 4.71 -59.82
N LEU B 14 -3.87 5.70 -59.11
CA LEU B 14 -4.99 5.50 -58.20
C LEU B 14 -6.14 6.46 -58.53
N ARG B 15 -7.37 5.98 -58.39
CA ARG B 15 -8.56 6.82 -58.54
C ARG B 15 -9.27 6.88 -57.20
N GLY B 16 -9.51 8.09 -56.70
CA GLY B 16 -10.08 8.28 -55.37
C GLY B 16 -11.56 8.59 -55.39
N ILE B 17 -12.02 9.23 -54.32
CA ILE B 17 -13.43 9.59 -54.19
C ILE B 17 -13.53 10.91 -53.43
N ARG B 18 -14.54 11.70 -53.77
CA ARG B 18 -14.83 12.94 -53.06
C ARG B 18 -15.88 12.66 -52.00
N LEU B 19 -15.62 13.10 -50.77
CA LEU B 19 -16.52 12.84 -49.65
C LEU B 19 -17.02 14.14 -49.05
N LYS B 20 -18.29 14.14 -48.65
CA LYS B 20 -18.89 15.27 -47.95
C LYS B 20 -18.52 15.30 -46.46
N THR B 21 -18.38 16.52 -45.94
CA THR B 21 -18.20 16.92 -44.55
C THR B 21 -19.18 18.05 -44.27
N PRO B 22 -19.63 18.21 -43.03
CA PRO B 22 -20.41 19.40 -42.69
C PRO B 22 -19.71 20.71 -43.00
N GLY B 23 -18.39 20.64 -43.20
CA GLY B 23 -17.58 21.84 -43.50
C GLY B 23 -17.37 22.01 -44.99
N GLY B 24 -16.48 21.22 -45.58
CA GLY B 24 -16.19 21.29 -47.02
C GLY B 24 -15.92 19.92 -47.61
N PRO B 25 -15.58 19.81 -48.92
CA PRO B 25 -15.31 18.51 -49.55
C PRO B 25 -13.92 17.99 -49.19
N VAL B 26 -13.78 16.66 -49.08
CA VAL B 26 -12.51 16.03 -48.76
C VAL B 26 -12.24 14.96 -49.80
N SER B 27 -10.95 14.80 -50.17
CA SER B 27 -10.52 13.72 -51.07
C SER B 27 -10.07 12.52 -50.24
N ALA B 28 -10.55 11.34 -50.60
CA ALA B 28 -10.20 10.10 -49.91
C ALA B 28 -9.71 9.05 -50.90
N PHE B 29 -8.64 8.36 -50.54
CA PHE B 29 -8.09 7.27 -51.33
C PHE B 29 -8.05 6.04 -50.44
N LEU B 30 -9.05 5.17 -50.59
CA LEU B 30 -9.29 4.03 -49.72
C LEU B 30 -8.96 2.70 -50.38
N GLY B 31 -8.24 1.85 -49.66
CA GLY B 31 -7.92 0.53 -50.15
C GLY B 31 -6.73 0.53 -51.08
N ILE B 32 -5.73 1.34 -50.76
CA ILE B 32 -4.50 1.38 -51.56
C ILE B 32 -3.63 0.22 -51.14
N PRO B 33 -3.32 -0.72 -52.02
CA PRO B 33 -2.45 -1.84 -51.62
C PRO B 33 -1.02 -1.37 -51.39
N PHE B 34 -0.48 -1.70 -50.21
CA PHE B 34 0.90 -1.37 -49.90
C PHE B 34 1.77 -2.60 -49.70
N ALA B 35 1.20 -3.80 -49.68
CA ALA B 35 1.99 -5.02 -49.63
C ALA B 35 1.39 -6.07 -50.55
N GLU B 36 2.20 -7.06 -50.89
CA GLU B 36 1.67 -8.21 -51.59
C GLU B 36 0.82 -9.02 -50.62
N PRO B 37 -0.31 -9.56 -51.06
CA PRO B 37 -1.21 -10.27 -50.14
C PRO B 37 -0.46 -11.39 -49.44
N PRO B 38 -0.40 -11.37 -48.09
CA PRO B 38 0.33 -12.42 -47.34
C PRO B 38 -0.48 -13.70 -47.20
N MET B 39 -0.71 -14.35 -48.34
CA MET B 39 -1.53 -15.55 -48.44
C MET B 39 -0.67 -16.78 -48.71
N GLY B 40 -1.30 -17.94 -48.54
CA GLY B 40 -0.68 -19.21 -48.85
C GLY B 40 0.67 -19.35 -48.18
N PRO B 41 1.71 -19.52 -48.99
CA PRO B 41 3.06 -19.68 -48.41
C PRO B 41 3.55 -18.44 -47.70
N ARG B 42 2.92 -17.28 -47.90
CA ARG B 42 3.33 -16.03 -47.28
C ARG B 42 2.67 -15.75 -45.95
N ARG B 43 1.67 -16.55 -45.55
CA ARG B 43 1.14 -16.47 -44.20
C ARG B 43 2.25 -16.65 -43.16
N PHE B 44 2.29 -15.76 -42.18
CA PHE B 44 3.28 -15.69 -41.10
C PHE B 44 4.59 -15.03 -41.52
N LEU B 45 4.79 -14.67 -42.80
CA LEU B 45 6.06 -14.09 -43.21
C LEU B 45 6.01 -12.56 -43.21
N PRO B 46 7.15 -11.91 -43.10
CA PRO B 46 7.20 -10.44 -43.22
C PRO B 46 6.53 -9.99 -44.49
N PRO B 47 5.92 -8.81 -44.50
CA PRO B 47 5.28 -8.32 -45.73
C PRO B 47 6.29 -7.98 -46.81
N GLU B 48 5.94 -8.32 -48.06
CA GLU B 48 6.76 -7.91 -49.20
C GLU B 48 6.07 -6.76 -49.91
N PRO B 49 6.84 -5.76 -50.32
CA PRO B 49 6.25 -4.58 -50.98
C PRO B 49 5.39 -4.95 -52.17
N LYS B 50 4.35 -4.15 -52.39
CA LYS B 50 3.41 -4.36 -53.48
C LYS B 50 4.09 -4.15 -54.82
N GLN B 51 4.10 -5.20 -55.65
CA GLN B 51 4.61 -5.05 -57.01
C GLN B 51 3.79 -3.98 -57.76
N PRO B 52 4.40 -3.24 -58.68
CA PRO B 52 3.65 -2.20 -59.40
C PRO B 52 2.62 -2.78 -60.35
N TRP B 53 1.64 -1.95 -60.67
CA TRP B 53 0.49 -2.38 -61.47
C TRP B 53 0.28 -1.46 -62.66
N SER B 54 -0.25 -2.04 -63.73
CA SER B 54 -0.66 -1.24 -64.87
C SER B 54 -2.14 -0.89 -64.76
N GLY B 55 -2.53 0.18 -65.40
CA GLY B 55 -3.90 0.60 -65.24
C GLY B 55 -4.08 1.38 -63.94
N VAL B 56 -5.34 1.52 -63.54
CA VAL B 56 -5.72 2.42 -62.46
C VAL B 56 -6.45 1.63 -61.37
N VAL B 57 -5.81 1.50 -60.19
CA VAL B 57 -6.45 0.86 -59.04
C VAL B 57 -7.54 1.80 -58.52
N ASP B 58 -8.75 1.26 -58.35
CA ASP B 58 -9.89 2.08 -57.87
C ASP B 58 -9.84 2.19 -56.35
N ALA B 59 -9.42 3.34 -55.82
CA ALA B 59 -9.36 3.47 -54.36
C ALA B 59 -10.57 4.24 -53.84
N THR B 60 -11.73 3.60 -53.96
CA THR B 60 -13.00 4.30 -53.76
C THR B 60 -13.79 3.73 -52.59
N THR B 61 -13.36 2.60 -52.02
CA THR B 61 -14.04 2.04 -50.87
C THR B 61 -13.00 1.29 -50.02
N PHE B 62 -13.36 1.06 -48.76
CA PHE B 62 -12.49 0.31 -47.86
C PHE B 62 -12.32 -1.10 -48.36
N GLN B 63 -11.10 -1.62 -48.23
CA GLN B 63 -10.80 -2.99 -48.58
C GLN B 63 -11.15 -3.89 -47.40
N SER B 64 -10.67 -5.12 -47.38
CA SER B 64 -11.17 -6.07 -46.42
C SER B 64 -10.43 -5.97 -45.07
N VAL B 65 -11.03 -6.55 -44.05
CA VAL B 65 -10.47 -6.57 -42.74
C VAL B 65 -9.62 -7.79 -42.60
N CYS B 66 -8.55 -7.69 -41.87
CA CYS B 66 -7.67 -8.84 -41.65
C CYS B 66 -8.38 -9.82 -40.74
N TYR B 67 -8.11 -11.12 -40.91
CA TYR B 67 -8.89 -12.15 -40.20
C TYR B 67 -8.77 -11.97 -38.70
N GLN B 68 -9.91 -11.97 -38.01
CA GLN B 68 -9.87 -11.68 -36.60
C GLN B 68 -11.11 -12.25 -35.93
N TYR B 69 -10.98 -12.53 -34.62
CA TYR B 69 -12.13 -12.94 -33.83
C TYR B 69 -13.16 -11.82 -33.84
N VAL B 70 -14.44 -12.20 -33.81
CA VAL B 70 -15.56 -11.25 -33.79
C VAL B 70 -16.26 -11.35 -32.44
N ASP B 71 -16.52 -10.20 -31.82
CA ASP B 71 -17.20 -10.18 -30.53
C ASP B 71 -18.64 -10.64 -30.69
N THR B 72 -19.03 -11.66 -29.94
CA THR B 72 -20.39 -12.18 -29.98
C THR B 72 -21.05 -12.13 -28.61
N LEU B 73 -20.45 -11.42 -27.65
CA LEU B 73 -20.95 -11.44 -26.27
C LEU B 73 -22.32 -10.81 -26.15
N TYR B 74 -22.59 -9.76 -26.93
CA TYR B 74 -23.85 -9.02 -26.85
C TYR B 74 -24.37 -8.71 -28.25
N PRO B 75 -24.86 -9.72 -28.96
CA PRO B 75 -25.18 -9.55 -30.40
C PRO B 75 -26.16 -8.42 -30.68
N GLY B 76 -25.73 -7.48 -31.54
CA GLY B 76 -26.53 -6.32 -31.89
C GLY B 76 -26.27 -5.10 -31.04
N PHE B 77 -25.59 -5.25 -29.93
CA PHE B 77 -25.28 -4.14 -29.03
C PHE B 77 -24.31 -3.17 -29.71
N GLU B 78 -24.69 -1.89 -29.77
CA GLU B 78 -23.81 -0.90 -30.39
C GLU B 78 -22.46 -0.84 -29.69
N GLY B 79 -22.43 -1.05 -28.37
CA GLY B 79 -21.20 -0.93 -27.61
C GLY B 79 -20.13 -1.91 -28.02
N THR B 80 -20.51 -3.07 -28.55
CA THR B 80 -19.52 -3.97 -29.09
C THR B 80 -19.46 -3.97 -30.63
N GLU B 81 -20.59 -3.76 -31.33
CA GLU B 81 -20.54 -3.89 -32.79
C GLU B 81 -19.73 -2.79 -33.45
N MET B 82 -19.64 -1.62 -32.82
CA MET B 82 -18.86 -0.53 -33.42
C MET B 82 -17.39 -0.89 -33.57
N TRP B 83 -16.93 -1.95 -32.91
CA TRP B 83 -15.54 -2.40 -32.99
C TRP B 83 -15.38 -3.62 -33.87
N ASN B 84 -16.48 -4.32 -34.17
CA ASN B 84 -16.44 -5.50 -35.01
C ASN B 84 -16.16 -5.15 -36.47
N PRO B 85 -15.68 -6.12 -37.26
CA PRO B 85 -15.34 -5.82 -38.66
C PRO B 85 -16.59 -5.36 -39.39
N ASN B 86 -16.43 -4.31 -40.21
CA ASN B 86 -17.52 -3.84 -41.04
C ASN B 86 -17.18 -4.01 -42.51
N ARG B 87 -16.25 -4.91 -42.80
CA ARG B 87 -16.06 -5.44 -44.14
C ARG B 87 -15.75 -6.93 -44.00
N GLU B 88 -15.90 -7.62 -45.10
CA GLU B 88 -15.52 -9.02 -45.23
C GLU B 88 -14.12 -9.24 -44.67
N LEU B 89 -13.95 -10.38 -44.00
CA LEU B 89 -12.62 -10.80 -43.59
C LEU B 89 -11.84 -11.35 -44.76
N SER B 90 -10.55 -11.01 -44.82
CA SER B 90 -9.66 -11.69 -45.74
C SER B 90 -8.24 -11.62 -45.21
N GLU B 91 -7.44 -12.64 -45.54
CA GLU B 91 -6.01 -12.49 -45.37
C GLU B 91 -5.42 -11.48 -46.36
N ASP B 92 -6.08 -11.26 -47.50
CA ASP B 92 -5.70 -10.24 -48.47
C ASP B 92 -6.28 -8.94 -47.95
N CYS B 93 -5.55 -8.33 -47.03
CA CYS B 93 -6.08 -7.19 -46.28
C CYS B 93 -5.08 -6.06 -46.04
N LEU B 94 -3.85 -6.14 -46.54
CA LEU B 94 -2.85 -5.11 -46.21
C LEU B 94 -2.99 -3.95 -47.18
N TYR B 95 -3.95 -3.09 -46.84
CA TYR B 95 -4.26 -1.88 -47.58
C TYR B 95 -4.16 -0.70 -46.62
N LEU B 96 -3.98 0.49 -47.17
CA LEU B 96 -3.98 1.69 -46.35
C LEU B 96 -4.86 2.76 -47.02
N ASN B 97 -5.17 3.80 -46.26
CA ASN B 97 -6.09 4.86 -46.69
C ASN B 97 -5.43 6.22 -46.54
N VAL B 98 -5.76 7.13 -47.46
CA VAL B 98 -5.29 8.52 -47.39
C VAL B 98 -6.50 9.43 -47.51
N TRP B 99 -6.70 10.29 -46.51
CA TRP B 99 -7.65 11.39 -46.58
C TRP B 99 -6.85 12.68 -46.67
N THR B 100 -7.31 13.58 -47.53
CA THR B 100 -6.60 14.82 -47.79
C THR B 100 -7.63 15.89 -48.08
N PRO B 101 -7.29 17.17 -47.87
CA PRO B 101 -8.25 18.23 -48.17
C PRO B 101 -8.60 18.28 -49.65
N TYR B 102 -9.71 18.95 -49.95
CA TYR B 102 -10.16 19.17 -51.33
C TYR B 102 -10.17 20.65 -51.66
N PRO B 103 -9.49 21.08 -52.71
CA PRO B 103 -8.64 20.21 -53.55
C PRO B 103 -7.32 19.85 -52.86
N ARG B 104 -6.62 18.87 -53.40
CA ARG B 104 -5.37 18.42 -52.81
C ARG B 104 -4.46 19.60 -52.53
N PRO B 105 -3.71 19.56 -51.42
CA PRO B 105 -3.00 20.76 -50.94
C PRO B 105 -1.91 21.29 -51.87
N THR B 106 -1.63 22.58 -51.67
CA THR B 106 -0.62 23.31 -52.43
C THR B 106 0.77 22.96 -51.96
N SER B 107 1.03 23.26 -50.73
CA SER B 107 2.20 23.18 -49.91
C SER B 107 2.19 21.91 -49.12
N PRO B 108 3.36 21.45 -48.70
CA PRO B 108 3.42 20.27 -47.83
C PRO B 108 2.53 20.48 -46.59
N THR B 109 1.63 19.54 -46.39
CA THR B 109 0.64 19.50 -45.32
C THR B 109 1.06 18.45 -44.30
N PRO B 110 0.95 18.75 -43.00
CA PRO B 110 1.42 17.80 -41.97
C PRO B 110 0.57 16.54 -41.91
N VAL B 111 1.24 15.41 -41.66
CA VAL B 111 0.66 14.08 -41.80
C VAL B 111 0.44 13.44 -40.44
N LEU B 112 -0.77 12.91 -40.22
CA LEU B 112 -1.12 12.06 -39.07
C LEU B 112 -1.27 10.62 -39.55
N VAL B 113 -0.62 9.68 -38.87
CA VAL B 113 -0.75 8.26 -39.21
C VAL B 113 -1.41 7.55 -38.04
N TRP B 114 -2.54 6.90 -38.30
CA TRP B 114 -3.34 6.24 -37.28
C TRP B 114 -3.10 4.73 -37.28
N ILE B 115 -2.79 4.17 -36.12
CA ILE B 115 -2.67 2.72 -35.93
C ILE B 115 -3.78 2.28 -34.96
N TYR B 116 -4.71 1.47 -35.45
CA TYR B 116 -5.83 1.05 -34.62
C TYR B 116 -5.38 0.06 -33.55
N GLY B 117 -6.15 -0.02 -32.48
CA GLY B 117 -5.96 -0.97 -31.40
C GLY B 117 -6.90 -2.15 -31.53
N GLY B 118 -7.19 -2.80 -30.40
CA GLY B 118 -7.90 -4.05 -30.43
C GLY B 118 -7.07 -5.21 -29.94
N GLY B 119 -6.23 -4.98 -28.92
CA GLY B 119 -5.45 -6.03 -28.26
C GLY B 119 -4.52 -6.85 -29.15
N PHE B 120 -4.17 -6.35 -30.34
CA PHE B 120 -3.38 -7.05 -31.36
C PHE B 120 -4.10 -8.27 -31.93
N TYR B 121 -5.36 -8.50 -31.56
CA TYR B 121 -6.11 -9.62 -32.10
C TYR B 121 -7.25 -9.16 -33.01
N SER B 122 -7.47 -7.86 -33.14
CA SER B 122 -8.65 -7.34 -33.81
C SER B 122 -8.41 -5.91 -34.25
N GLY B 123 -9.27 -5.43 -35.14
CA GLY B 123 -9.31 -4.03 -35.53
C GLY B 123 -9.25 -3.84 -37.04
N ALA B 124 -9.58 -2.62 -37.44
CA ALA B 124 -9.58 -2.32 -38.87
C ALA B 124 -9.59 -0.81 -39.05
N SER B 125 -8.98 -0.36 -40.15
CA SER B 125 -8.99 1.06 -40.46
C SER B 125 -10.34 1.54 -41.00
N SER B 126 -11.22 0.62 -41.40
CA SER B 126 -12.52 0.94 -42.00
C SER B 126 -13.58 1.34 -40.98
N LEU B 127 -13.35 1.10 -39.70
CA LEU B 127 -14.37 1.35 -38.69
C LEU B 127 -14.82 2.80 -38.77
N ASP B 128 -16.14 3.01 -38.61
CA ASP B 128 -16.71 4.35 -38.69
C ASP B 128 -15.98 5.31 -37.78
N VAL B 129 -15.65 4.86 -36.57
CA VAL B 129 -15.13 5.75 -35.55
C VAL B 129 -13.71 6.21 -35.84
N TYR B 130 -13.04 5.66 -36.87
CA TYR B 130 -11.73 6.13 -37.29
C TYR B 130 -11.80 6.93 -38.60
N ASP B 131 -12.93 7.57 -38.88
CA ASP B 131 -13.10 8.25 -40.15
C ASP B 131 -12.23 9.51 -40.21
N GLY B 132 -11.34 9.56 -41.19
CA GLY B 132 -10.38 10.64 -41.26
C GLY B 132 -10.95 11.97 -41.73
N ARG B 133 -12.15 11.97 -42.30
CA ARG B 133 -12.60 13.11 -43.09
C ARG B 133 -12.72 14.38 -42.25
N PHE B 134 -13.14 14.25 -40.98
CA PHE B 134 -13.36 15.45 -40.16
C PHE B 134 -12.04 16.11 -39.74
N LEU B 135 -11.05 15.32 -39.30
CA LEU B 135 -9.76 15.90 -38.96
C LEU B 135 -9.11 16.56 -40.16
N VAL B 136 -9.22 15.91 -41.31
CA VAL B 136 -8.58 16.43 -42.51
C VAL B 136 -9.17 17.80 -42.86
N GLN B 137 -10.50 17.88 -42.93
CA GLN B 137 -11.17 19.11 -43.34
C GLN B 137 -11.00 20.22 -42.31
N ALA B 138 -11.01 19.87 -41.04
CA ALA B 138 -11.11 20.91 -40.01
C ALA B 138 -9.74 21.47 -39.67
N GLU B 139 -8.71 20.63 -39.73
CA GLU B 139 -7.39 21.01 -39.28
C GLU B 139 -6.37 20.97 -40.40
N ARG B 140 -6.80 20.76 -41.64
CA ARG B 140 -5.96 20.78 -42.83
C ARG B 140 -4.70 19.93 -42.62
N THR B 141 -4.93 18.65 -42.37
CA THR B 141 -3.88 17.65 -42.31
C THR B 141 -4.13 16.58 -43.37
N VAL B 142 -3.08 15.83 -43.68
CA VAL B 142 -3.23 14.58 -44.40
C VAL B 142 -3.22 13.45 -43.37
N LEU B 143 -4.23 12.58 -43.45
CA LEU B 143 -4.37 11.47 -42.52
C LEU B 143 -4.24 10.15 -43.27
N VAL B 144 -3.39 9.28 -42.76
CA VAL B 144 -3.22 7.94 -43.29
C VAL B 144 -3.54 6.96 -42.19
N SER B 145 -4.30 5.92 -42.51
CA SER B 145 -4.47 4.77 -41.62
C SER B 145 -4.19 3.52 -42.43
N MET B 146 -3.65 2.51 -41.76
CA MET B 146 -3.33 1.25 -42.40
C MET B 146 -3.99 0.08 -41.67
N ASN B 147 -4.29 -0.97 -42.44
CA ASN B 147 -4.56 -2.27 -41.85
C ASN B 147 -3.24 -3.00 -41.57
N TYR B 148 -3.17 -3.70 -40.44
CA TYR B 148 -2.02 -4.56 -40.16
C TYR B 148 -2.56 -5.88 -39.60
N ARG B 149 -1.85 -6.97 -39.90
CA ARG B 149 -2.31 -8.30 -39.47
C ARG B 149 -2.38 -8.40 -37.94
N VAL B 150 -3.40 -9.11 -37.46
CA VAL B 150 -3.64 -9.24 -36.05
C VAL B 150 -3.76 -10.72 -35.72
N GLY B 151 -3.88 -11.02 -34.43
CA GLY B 151 -3.92 -12.39 -33.94
C GLY B 151 -2.73 -13.20 -34.41
N ALA B 152 -2.94 -14.51 -34.59
CA ALA B 152 -1.83 -15.35 -35.04
C ALA B 152 -1.24 -14.88 -36.38
N PHE B 153 -2.08 -14.34 -37.27
CA PHE B 153 -1.59 -13.92 -38.58
C PHE B 153 -0.57 -12.79 -38.49
N GLY B 154 -0.54 -12.07 -37.38
CA GLY B 154 0.41 -10.99 -37.25
C GLY B 154 1.48 -11.28 -36.23
N PHE B 155 1.21 -12.17 -35.27
CA PHE B 155 2.08 -12.26 -34.10
C PHE B 155 2.35 -13.66 -33.61
N LEU B 156 1.86 -14.69 -34.30
CA LEU B 156 2.33 -16.04 -34.00
C LEU B 156 3.82 -16.11 -34.26
N ALA B 157 4.57 -16.55 -33.26
CA ALA B 157 6.03 -16.56 -33.31
C ALA B 157 6.55 -17.93 -32.92
N LEU B 158 7.37 -18.51 -33.78
CA LEU B 158 8.26 -19.61 -33.44
C LEU B 158 9.67 -19.03 -33.43
N PRO B 159 10.14 -18.49 -32.30
CA PRO B 159 11.35 -17.67 -32.31
C PRO B 159 12.55 -18.44 -32.84
N GLY B 160 13.32 -17.77 -33.71
CA GLY B 160 14.46 -18.36 -34.36
C GLY B 160 14.18 -18.93 -35.73
N SER B 161 12.91 -19.18 -36.06
CA SER B 161 12.55 -19.82 -37.32
C SER B 161 12.41 -18.82 -38.45
N ARG B 162 12.81 -19.24 -39.65
CA ARG B 162 12.57 -18.42 -40.82
C ARG B 162 11.10 -18.43 -41.20
N GLU B 163 10.36 -19.44 -40.77
CA GLU B 163 9.01 -19.66 -41.27
C GLU B 163 7.93 -18.92 -40.48
N ALA B 164 8.17 -18.58 -39.22
CA ALA B 164 7.21 -17.81 -38.41
C ALA B 164 7.96 -16.96 -37.41
N PRO B 165 8.65 -15.91 -37.88
CA PRO B 165 9.55 -15.16 -36.99
C PRO B 165 8.85 -14.29 -35.97
N GLY B 166 7.58 -13.95 -36.18
CA GLY B 166 6.90 -13.07 -35.27
C GLY B 166 7.06 -11.59 -35.63
N ASN B 167 6.18 -10.78 -35.03
CA ASN B 167 6.13 -9.34 -35.20
C ASN B 167 5.81 -8.92 -36.63
N VAL B 168 5.26 -9.83 -37.45
CA VAL B 168 5.06 -9.43 -38.84
C VAL B 168 3.96 -8.38 -38.94
N GLY B 169 2.96 -8.44 -38.05
CA GLY B 169 2.00 -7.35 -38.01
C GLY B 169 2.68 -6.02 -37.76
N LEU B 170 3.67 -6.00 -36.86
CA LEU B 170 4.44 -4.79 -36.63
C LEU B 170 5.15 -4.36 -37.89
N LEU B 171 5.69 -5.32 -38.64
CA LEU B 171 6.35 -5.01 -39.90
C LEU B 171 5.38 -4.50 -40.96
N ASP B 172 4.13 -5.02 -40.97
CA ASP B 172 3.10 -4.41 -41.79
C ASP B 172 3.03 -2.91 -41.55
N GLN B 173 2.92 -2.52 -40.27
CA GLN B 173 2.88 -1.10 -39.94
C GLN B 173 4.09 -0.36 -40.50
N ARG B 174 5.28 -0.93 -40.29
CA ARG B 174 6.50 -0.26 -40.73
C ARG B 174 6.51 -0.09 -42.25
N LEU B 175 6.07 -1.12 -42.96
CA LEU B 175 5.98 -1.03 -44.41
C LEU B 175 5.03 0.10 -44.82
N ALA B 176 3.88 0.19 -44.16
CA ALA B 176 2.97 1.31 -44.44
C ALA B 176 3.67 2.63 -44.14
N LEU B 177 4.43 2.69 -43.05
CA LEU B 177 5.13 3.93 -42.72
C LEU B 177 6.20 4.25 -43.77
N GLN B 178 6.88 3.22 -44.29
CA GLN B 178 7.78 3.44 -45.41
C GLN B 178 7.01 3.92 -46.62
N TRP B 179 5.87 3.29 -46.92
CA TRP B 179 5.04 3.73 -48.03
C TRP B 179 4.71 5.22 -47.91
N VAL B 180 4.41 5.67 -46.70
CA VAL B 180 4.06 7.07 -46.49
C VAL B 180 5.24 7.97 -46.84
N GLN B 181 6.46 7.52 -46.54
CA GLN B 181 7.62 8.35 -46.79
C GLN B 181 7.84 8.58 -48.29
N GLU B 182 7.61 7.53 -49.07
CA GLU B 182 7.88 7.56 -50.50
C GLU B 182 6.74 8.12 -51.34
N ASN B 183 5.53 8.25 -50.79
CA ASN B 183 4.37 8.56 -51.62
C ASN B 183 3.45 9.63 -51.08
N VAL B 184 3.58 10.02 -49.82
CA VAL B 184 2.54 10.89 -49.27
C VAL B 184 2.58 12.25 -49.95
N ALA B 185 3.75 12.67 -50.46
CA ALA B 185 3.84 13.94 -51.16
C ALA B 185 2.94 13.94 -52.39
N ALA B 186 2.79 12.79 -53.05
CA ALA B 186 1.88 12.72 -54.18
C ALA B 186 0.47 13.17 -53.83
N PHE B 187 0.11 13.17 -52.54
CA PHE B 187 -1.18 13.64 -52.08
C PHE B 187 -1.12 14.99 -51.38
N GLY B 188 0.07 15.60 -51.29
CA GLY B 188 0.23 16.86 -50.60
C GLY B 188 0.70 16.73 -49.17
N GLY B 189 0.95 15.53 -48.70
CA GLY B 189 1.48 15.37 -47.37
C GLY B 189 2.95 15.72 -47.34
N ASP B 190 3.41 16.17 -46.16
CA ASP B 190 4.80 16.49 -45.93
C ASP B 190 5.45 15.29 -45.26
N PRO B 191 6.26 14.50 -45.98
CA PRO B 191 6.86 13.32 -45.34
C PRO B 191 7.81 13.65 -44.22
N THR B 192 8.12 14.93 -43.99
CA THR B 192 9.05 15.36 -42.95
C THR B 192 8.35 15.79 -41.68
N SER B 193 7.00 15.74 -41.64
CA SER B 193 6.25 15.97 -40.41
C SER B 193 5.15 14.91 -40.31
N VAL B 194 5.56 13.70 -39.94
CA VAL B 194 4.63 12.59 -39.77
C VAL B 194 4.49 12.31 -38.27
N THR B 195 3.25 12.33 -37.78
CA THR B 195 2.93 12.10 -36.38
C THR B 195 2.16 10.77 -36.28
N LEU B 196 2.71 9.82 -35.53
CA LEU B 196 2.03 8.57 -35.23
C LEU B 196 1.09 8.73 -34.05
N PHE B 197 -0.12 8.19 -34.17
CA PHE B 197 -1.08 8.15 -33.10
C PHE B 197 -1.87 6.86 -33.09
N GLY B 198 -2.10 6.26 -31.95
CA GLY B 198 -2.87 5.04 -31.86
C GLY B 198 -3.46 4.92 -30.47
N GLU B 199 -4.27 3.87 -30.29
CA GLU B 199 -5.02 3.61 -29.06
C GLU B 199 -4.94 2.11 -28.78
N SER B 200 -5.14 1.71 -27.51
CA SER B 200 -4.98 0.31 -27.08
C SER B 200 -3.72 -0.28 -27.68
N ALA B 201 -3.84 -1.37 -28.46
CA ALA B 201 -2.64 -1.97 -29.06
C ALA B 201 -1.98 -1.02 -30.05
N GLY B 202 -2.74 -0.12 -30.66
CA GLY B 202 -2.14 0.88 -31.54
C GLY B 202 -1.21 1.83 -30.81
N ALA B 203 -1.54 2.19 -29.58
CA ALA B 203 -0.64 3.02 -28.80
C ALA B 203 0.60 2.20 -28.39
N ALA B 204 0.42 0.93 -28.05
CA ALA B 204 1.57 0.10 -27.81
C ALA B 204 2.46 0.02 -29.05
N SER B 205 1.83 -0.01 -30.23
CA SER B 205 2.61 -0.12 -31.45
C SER B 205 3.38 1.17 -31.72
N VAL B 206 2.73 2.33 -31.56
CA VAL B 206 3.46 3.59 -31.64
C VAL B 206 4.69 3.55 -30.76
N GLY B 207 4.54 3.07 -29.53
CA GLY B 207 5.67 3.00 -28.63
C GLY B 207 6.73 2.04 -29.13
N MET B 208 6.32 0.90 -29.68
CA MET B 208 7.33 0.00 -30.21
C MET B 208 8.07 0.59 -31.41
N HIS B 209 7.41 1.47 -32.18
CA HIS B 209 8.14 2.10 -33.27
C HIS B 209 9.15 3.13 -32.75
N LEU B 210 8.85 3.74 -31.59
CA LEU B 210 9.82 4.60 -30.92
C LEU B 210 11.07 3.84 -30.52
N LEU B 211 10.93 2.57 -30.15
CA LEU B 211 12.01 1.79 -29.55
C LEU B 211 12.65 0.82 -30.52
N SER B 212 12.32 0.91 -31.80
CA SER B 212 12.94 0.07 -32.82
C SER B 212 13.64 0.98 -33.83
N PRO B 213 14.97 0.98 -33.88
CA PRO B 213 15.70 1.97 -34.70
C PRO B 213 15.23 2.00 -36.16
N PRO B 214 15.02 0.85 -36.82
CA PRO B 214 14.54 0.93 -38.24
C PRO B 214 13.26 1.72 -38.42
N SER B 215 12.35 1.66 -37.45
CA SER B 215 11.15 2.49 -37.51
C SER B 215 11.39 3.93 -37.14
N ARG B 216 12.44 4.25 -36.40
CA ARG B 216 12.48 5.56 -35.74
C ARG B 216 12.77 6.68 -36.74
N GLY B 217 13.37 6.38 -37.89
CA GLY B 217 13.48 7.38 -38.92
C GLY B 217 12.26 7.60 -39.77
N LEU B 218 11.11 6.99 -39.45
CA LEU B 218 9.93 7.03 -40.30
C LEU B 218 8.85 7.98 -39.83
N PHE B 219 9.06 8.68 -38.71
CA PHE B 219 8.08 9.60 -38.17
C PHE B 219 8.77 10.48 -37.14
N HIS B 220 8.04 11.50 -36.65
CA HIS B 220 8.69 12.60 -35.93
C HIS B 220 8.10 12.84 -34.54
N ARG B 221 6.81 12.58 -34.38
CA ARG B 221 6.11 12.83 -33.13
C ARG B 221 5.18 11.66 -32.88
N ALA B 222 4.82 11.46 -31.61
CA ALA B 222 4.10 10.27 -31.22
C ALA B 222 2.96 10.63 -30.27
N VAL B 223 1.82 9.96 -30.46
CA VAL B 223 0.70 10.08 -29.55
C VAL B 223 0.31 8.69 -29.12
N LEU B 224 0.30 8.41 -27.82
CA LEU B 224 -0.10 7.12 -27.28
C LEU B 224 -1.33 7.37 -26.42
N GLN B 225 -2.46 6.82 -26.85
CA GLN B 225 -3.74 6.94 -26.17
C GLN B 225 -4.10 5.60 -25.54
N SER B 226 -4.20 5.58 -24.20
CA SER B 226 -4.67 4.42 -23.43
C SER B 226 -3.96 3.13 -23.87
N GLY B 227 -2.64 3.17 -23.90
CA GLY B 227 -1.86 2.02 -24.28
C GLY B 227 -0.39 2.38 -24.30
N ALA B 228 0.44 1.35 -24.23
CA ALA B 228 1.86 1.59 -24.08
C ALA B 228 2.62 0.30 -24.39
N PRO B 229 3.83 0.40 -24.94
CA PRO B 229 4.56 -0.85 -25.24
C PRO B 229 4.97 -1.61 -23.99
N ASN B 230 4.98 -0.95 -22.82
CA ASN B 230 5.43 -1.58 -21.59
C ASN B 230 4.30 -2.22 -20.78
N GLY B 231 3.05 -2.16 -21.24
CA GLY B 231 1.98 -2.87 -20.55
C GLY B 231 2.23 -4.37 -20.41
N PRO B 232 1.74 -4.97 -19.31
CA PRO B 232 1.88 -6.43 -19.15
C PRO B 232 1.22 -7.26 -20.27
N TRP B 233 0.40 -6.67 -21.13
CA TRP B 233 -0.28 -7.41 -22.19
C TRP B 233 0.35 -7.25 -23.57
N ALA B 234 1.22 -6.25 -23.75
CA ALA B 234 1.68 -5.81 -25.06
C ALA B 234 2.85 -6.60 -25.62
N THR B 235 3.61 -7.32 -24.80
CA THR B 235 4.71 -8.16 -25.26
C THR B 235 4.65 -9.50 -24.54
N VAL B 236 5.36 -10.47 -25.12
CA VAL B 236 5.46 -11.83 -24.62
C VAL B 236 6.90 -12.28 -24.78
N GLY B 237 7.35 -13.15 -23.88
CA GLY B 237 8.68 -13.69 -24.00
C GLY B 237 8.79 -14.78 -25.05
N MET B 238 10.03 -15.06 -25.46
CA MET B 238 10.26 -16.04 -26.52
C MET B 238 9.66 -17.40 -26.17
N GLY B 239 9.90 -17.88 -24.94
CA GLY B 239 9.45 -19.21 -24.58
C GLY B 239 7.93 -19.33 -24.60
N GLU B 240 7.25 -18.33 -24.01
CA GLU B 240 5.80 -18.35 -23.96
C GLU B 240 5.20 -18.21 -25.35
N ALA B 241 5.80 -17.37 -26.20
CA ALA B 241 5.39 -17.30 -27.60
C ALA B 241 5.49 -18.67 -28.24
N ARG B 242 6.61 -19.36 -28.04
CA ARG B 242 6.76 -20.69 -28.62
C ARG B 242 5.74 -21.66 -28.04
N ARG B 243 5.46 -21.56 -26.74
CA ARG B 243 4.47 -22.47 -26.18
C ARG B 243 3.10 -22.21 -26.77
N ARG B 244 2.78 -20.93 -27.05
CA ARG B 244 1.46 -20.57 -27.55
C ARG B 244 1.29 -20.91 -29.03
N ALA B 245 2.29 -20.61 -29.84
CA ALA B 245 2.27 -21.08 -31.23
C ALA B 245 2.10 -22.60 -31.26
N THR B 246 2.78 -23.31 -30.35
CA THR B 246 2.78 -24.77 -30.40
C THR B 246 1.44 -25.34 -29.96
N GLN B 247 0.81 -24.75 -28.93
N GLN B 247 0.81 -24.74 -28.94
CA GLN B 247 -0.50 -25.26 -28.52
CA GLN B 247 -0.49 -25.22 -28.50
C GLN B 247 -1.55 -24.99 -29.59
C GLN B 247 -1.55 -24.98 -29.56
N LEU B 248 -1.42 -23.90 -30.33
CA LEU B 248 -2.36 -23.63 -31.41
C LEU B 248 -2.28 -24.72 -32.46
N ALA B 249 -1.07 -25.11 -32.85
CA ALA B 249 -0.94 -26.17 -33.83
C ALA B 249 -1.61 -27.45 -33.32
N HIS B 250 -1.39 -27.78 -32.04
CA HIS B 250 -2.00 -28.97 -31.48
C HIS B 250 -3.53 -28.89 -31.53
N LEU B 251 -4.09 -27.71 -31.22
CA LEU B 251 -5.54 -27.54 -31.18
C LEU B 251 -6.19 -27.58 -32.55
N VAL B 252 -5.43 -27.45 -33.63
CA VAL B 252 -5.99 -27.50 -34.98
C VAL B 252 -5.50 -28.72 -35.76
N GLY B 253 -4.81 -29.65 -35.10
CA GLY B 253 -4.51 -30.93 -35.73
C GLY B 253 -3.15 -31.04 -36.40
N CYS B 254 -2.17 -30.29 -35.93
CA CYS B 254 -0.81 -30.19 -36.43
C CYS B 254 0.20 -30.57 -35.35
N PRO B 255 1.24 -31.34 -35.68
CA PRO B 255 1.58 -31.75 -37.05
C PRO B 255 1.15 -33.18 -37.38
N ASN B 262 10.27 -30.11 -35.45
CA ASN B 262 10.64 -29.35 -36.63
C ASN B 262 9.68 -28.16 -36.77
N ASP B 263 10.21 -26.95 -36.59
CA ASP B 263 9.40 -25.75 -36.75
C ASP B 263 8.85 -25.65 -38.16
N THR B 264 9.66 -26.01 -39.16
CA THR B 264 9.22 -25.93 -40.55
C THR B 264 8.02 -26.86 -40.80
N GLU B 265 8.06 -28.07 -40.24
CA GLU B 265 6.93 -28.98 -40.43
C GLU B 265 5.69 -28.44 -39.71
N LEU B 266 5.88 -27.72 -38.62
CA LEU B 266 4.75 -27.20 -37.87
C LEU B 266 4.08 -26.03 -38.60
N VAL B 267 4.85 -25.02 -39.01
CA VAL B 267 4.25 -23.88 -39.72
C VAL B 267 3.65 -24.35 -41.03
N ALA B 268 4.36 -25.21 -41.76
CA ALA B 268 3.80 -25.78 -42.99
C ALA B 268 2.38 -26.25 -42.75
N CYS B 269 2.16 -26.97 -41.65
CA CYS B 269 0.83 -27.50 -41.39
C CYS B 269 -0.12 -26.38 -41.01
N LEU B 270 0.33 -25.41 -40.21
CA LEU B 270 -0.55 -24.30 -39.88
C LEU B 270 -1.03 -23.60 -41.16
N ARG B 271 -0.16 -23.51 -42.17
CA ARG B 271 -0.53 -22.78 -43.39
C ARG B 271 -1.58 -23.51 -44.20
N THR B 272 -1.78 -24.80 -43.99
CA THR B 272 -2.82 -25.50 -44.74
C THR B 272 -4.19 -25.38 -44.10
N ARG B 273 -4.28 -24.72 -42.95
CA ARG B 273 -5.57 -24.61 -42.29
C ARG B 273 -6.27 -23.33 -42.72
N PRO B 274 -7.59 -23.38 -42.90
CA PRO B 274 -8.34 -22.15 -43.14
C PRO B 274 -8.08 -21.12 -42.04
N ALA B 275 -7.90 -19.86 -42.45
CA ALA B 275 -7.68 -18.78 -41.51
C ALA B 275 -8.69 -18.83 -40.35
N GLN B 276 -9.98 -18.99 -40.68
CA GLN B 276 -11.00 -18.98 -39.64
C GLN B 276 -10.78 -20.09 -38.60
N VAL B 277 -10.15 -21.19 -39.00
CA VAL B 277 -9.89 -22.26 -38.05
C VAL B 277 -8.93 -21.77 -36.96
N LEU B 278 -7.90 -21.02 -37.36
CA LEU B 278 -6.95 -20.49 -36.37
C LEU B 278 -7.66 -19.55 -35.41
N VAL B 279 -8.47 -18.64 -35.94
CA VAL B 279 -9.22 -17.71 -35.10
C VAL B 279 -10.04 -18.45 -34.05
N ASN B 280 -10.69 -19.56 -34.44
CA ASN B 280 -11.62 -20.25 -33.54
C ASN B 280 -10.92 -20.80 -32.32
N HIS B 281 -9.63 -21.07 -32.41
CA HIS B 281 -8.86 -21.57 -31.29
C HIS B 281 -7.97 -20.50 -30.69
N GLU B 282 -8.13 -19.25 -31.12
CA GLU B 282 -7.20 -18.21 -30.70
C GLU B 282 -7.11 -18.11 -29.20
N TRP B 283 -8.26 -17.96 -28.52
CA TRP B 283 -8.24 -17.68 -27.09
C TRP B 283 -7.78 -18.88 -26.24
N HIS B 284 -7.83 -20.09 -26.77
CA HIS B 284 -7.53 -21.25 -25.96
C HIS B 284 -6.05 -21.41 -25.65
N VAL B 285 -5.15 -20.70 -26.35
CA VAL B 285 -3.72 -20.80 -26.07
C VAL B 285 -3.31 -20.09 -24.78
N LEU B 286 -4.18 -19.23 -24.22
CA LEU B 286 -3.84 -18.46 -23.04
C LEU B 286 -3.63 -19.38 -21.84
N PRO B 287 -2.59 -19.15 -21.04
CA PRO B 287 -2.26 -20.07 -19.94
C PRO B 287 -3.29 -20.14 -18.83
N GLN B 288 -4.09 -19.10 -18.68
CA GLN B 288 -5.05 -18.76 -17.62
C GLN B 288 -6.24 -17.98 -18.13
N GLU B 289 -7.37 -18.25 -17.48
CA GLU B 289 -8.53 -17.40 -17.60
C GLU B 289 -8.13 -16.01 -17.16
N SER B 290 -8.47 -15.02 -17.96
CA SER B 290 -7.99 -13.68 -17.72
C SER B 290 -8.90 -12.71 -18.43
N VAL B 291 -8.75 -11.45 -18.06
CA VAL B 291 -9.18 -10.33 -18.88
C VAL B 291 -7.94 -9.50 -19.19
N PHE B 292 -8.00 -8.76 -20.28
CA PHE B 292 -6.91 -7.89 -20.72
C PHE B 292 -5.61 -8.66 -20.96
N ARG B 293 -5.73 -9.87 -21.48
CA ARG B 293 -4.56 -10.62 -21.95
C ARG B 293 -4.91 -11.20 -23.30
N PHE B 294 -3.93 -11.23 -24.20
CA PHE B 294 -4.21 -11.57 -25.58
C PHE B 294 -3.15 -12.52 -26.11
N SER B 295 -3.59 -13.49 -26.93
CA SER B 295 -2.80 -14.67 -27.27
C SER B 295 -1.53 -14.33 -28.05
N PHE B 296 -1.68 -13.67 -29.20
CA PHE B 296 -0.54 -13.43 -30.08
C PHE B 296 -0.27 -11.94 -30.11
N VAL B 297 0.79 -11.53 -29.41
CA VAL B 297 1.16 -10.12 -29.28
C VAL B 297 2.63 -10.04 -29.69
N PRO B 298 3.22 -8.85 -29.75
CA PRO B 298 4.65 -8.75 -30.11
C PRO B 298 5.56 -9.56 -29.20
N VAL B 299 6.62 -10.12 -29.77
CA VAL B 299 7.57 -10.97 -29.03
C VAL B 299 8.92 -10.27 -28.88
N VAL B 300 9.52 -10.38 -27.70
CA VAL B 300 10.83 -9.78 -27.42
C VAL B 300 11.89 -10.83 -27.72
N ASP B 301 12.53 -10.70 -28.89
CA ASP B 301 13.46 -11.71 -29.39
C ASP B 301 14.78 -11.11 -29.86
N GLY B 302 15.03 -9.83 -29.59
CA GLY B 302 16.27 -9.19 -29.96
C GLY B 302 16.29 -8.60 -31.35
N ASP B 303 15.32 -8.93 -32.20
CA ASP B 303 15.22 -8.36 -33.54
C ASP B 303 14.48 -7.01 -33.52
N PHE B 304 13.16 -7.03 -33.71
CA PHE B 304 12.39 -5.78 -33.69
C PHE B 304 12.59 -5.03 -32.36
N LEU B 305 12.57 -5.75 -31.24
CA LEU B 305 12.83 -5.18 -29.92
C LEU B 305 14.09 -5.84 -29.35
N SER B 306 15.18 -5.06 -29.20
CA SER B 306 16.44 -5.65 -28.75
C SER B 306 16.41 -5.96 -27.26
N ASP B 307 15.50 -5.37 -26.51
CA ASP B 307 15.27 -5.69 -25.12
C ASP B 307 13.78 -5.52 -24.87
N THR B 308 13.36 -5.73 -23.63
CA THR B 308 11.97 -5.45 -23.27
C THR B 308 11.68 -3.96 -23.44
N PRO B 309 10.44 -3.60 -23.75
CA PRO B 309 10.11 -2.17 -23.85
C PRO B 309 10.41 -1.42 -22.57
N GLU B 310 10.28 -2.04 -21.40
CA GLU B 310 10.59 -1.30 -20.19
C GLU B 310 12.11 -1.09 -20.08
N ALA B 311 12.88 -2.12 -20.38
CA ALA B 311 14.33 -1.96 -20.40
C ALA B 311 14.75 -0.83 -21.34
N LEU B 312 14.22 -0.83 -22.56
CA LEU B 312 14.63 0.16 -23.56
C LEU B 312 14.20 1.56 -23.18
N ILE B 313 13.10 1.69 -22.44
CA ILE B 313 12.67 3.02 -22.02
C ILE B 313 13.66 3.59 -21.02
N ASN B 314 14.00 2.83 -19.98
CA ASN B 314 14.92 3.29 -18.94
C ASN B 314 16.30 3.67 -19.47
N ALA B 315 16.71 3.14 -20.62
CA ALA B 315 18.06 3.31 -21.13
C ALA B 315 18.15 4.30 -22.29
N GLY B 316 17.06 4.97 -22.64
CA GLY B 316 16.98 5.72 -23.87
C GLY B 316 17.32 7.19 -23.68
N ASP B 317 17.98 7.75 -24.70
CA ASP B 317 18.19 9.19 -24.82
C ASP B 317 17.03 9.70 -25.69
N PHE B 318 16.09 10.42 -25.07
CA PHE B 318 14.86 10.82 -25.71
C PHE B 318 14.78 12.33 -25.90
N HIS B 319 15.92 12.99 -26.02
CA HIS B 319 15.92 14.43 -26.29
C HIS B 319 15.46 14.69 -27.72
N GLY B 320 14.68 15.75 -27.89
CA GLY B 320 14.18 16.07 -29.21
C GLY B 320 12.95 15.30 -29.61
N LEU B 321 12.31 14.61 -28.68
CA LEU B 321 11.07 13.90 -28.94
C LEU B 321 9.94 14.57 -28.16
N GLN B 322 8.83 14.84 -28.84
CA GLN B 322 7.62 15.29 -28.17
C GLN B 322 6.59 14.18 -28.24
N VAL B 323 5.89 13.95 -27.13
CA VAL B 323 4.96 12.84 -27.01
C VAL B 323 3.69 13.37 -26.36
N LEU B 324 2.54 12.97 -26.90
CA LEU B 324 1.25 13.18 -26.28
C LEU B 324 0.73 11.82 -25.80
N VAL B 325 0.44 11.70 -24.51
CA VAL B 325 -0.01 10.45 -23.93
C VAL B 325 -1.17 10.76 -23.00
N GLY B 326 -2.04 9.78 -22.79
CA GLY B 326 -3.13 9.99 -21.86
C GLY B 326 -3.99 8.75 -21.72
N VAL B 327 -5.01 8.88 -20.87
CA VAL B 327 -5.93 7.81 -20.52
C VAL B 327 -7.33 8.39 -20.43
N VAL B 328 -8.31 7.50 -20.41
CA VAL B 328 -9.68 7.88 -20.10
C VAL B 328 -9.92 7.61 -18.62
N LYS B 329 -11.06 8.06 -18.10
CA LYS B 329 -11.26 8.05 -16.64
C LYS B 329 -11.35 6.63 -16.09
N ASP B 330 -12.05 5.75 -16.80
CA ASP B 330 -12.36 4.42 -16.30
C ASP B 330 -11.79 3.37 -17.25
N GLU B 331 -10.45 3.28 -17.32
CA GLU B 331 -9.81 2.38 -18.27
C GLU B 331 -10.26 0.94 -18.09
N GLY B 332 -10.46 0.51 -16.86
CA GLY B 332 -10.68 -0.91 -16.64
C GLY B 332 -12.12 -1.40 -16.72
N SER B 333 -13.10 -0.49 -16.76
CA SER B 333 -14.48 -0.88 -16.46
C SER B 333 -15.01 -1.98 -17.39
N TYR B 334 -15.01 -1.75 -18.71
CA TYR B 334 -15.72 -2.70 -19.58
C TYR B 334 -15.12 -4.10 -19.51
N PHE B 335 -13.80 -4.20 -19.31
CA PHE B 335 -13.16 -5.52 -19.36
C PHE B 335 -13.74 -6.49 -18.35
N LEU B 336 -14.36 -5.98 -17.29
CA LEU B 336 -14.85 -6.84 -16.21
C LEU B 336 -15.98 -7.76 -16.66
N VAL B 337 -16.79 -7.35 -17.65
CA VAL B 337 -17.88 -8.19 -18.11
C VAL B 337 -17.40 -9.23 -19.11
N TYR B 338 -16.09 -9.35 -19.30
CA TYR B 338 -15.53 -10.40 -20.13
C TYR B 338 -14.80 -11.45 -19.32
N GLY B 339 -15.20 -11.65 -18.07
CA GLY B 339 -14.65 -12.76 -17.30
C GLY B 339 -14.50 -12.51 -15.81
N ALA B 340 -14.84 -11.33 -15.35
CA ALA B 340 -14.73 -11.15 -13.90
C ALA B 340 -16.03 -11.61 -13.25
N PRO B 341 -15.95 -12.52 -12.26
CA PRO B 341 -17.17 -13.12 -11.69
C PRO B 341 -18.10 -12.08 -11.08
N GLY B 342 -19.38 -12.20 -11.43
CA GLY B 342 -20.43 -11.35 -10.92
C GLY B 342 -20.74 -10.11 -11.74
N PHE B 343 -20.06 -9.90 -12.87
CA PHE B 343 -20.17 -8.66 -13.63
C PHE B 343 -21.11 -8.82 -14.83
N SER B 344 -21.76 -7.72 -15.20
CA SER B 344 -22.63 -7.69 -16.37
C SER B 344 -22.78 -6.25 -16.80
N LYS B 345 -22.93 -6.03 -18.12
CA LYS B 345 -23.33 -4.71 -18.56
C LYS B 345 -24.79 -4.42 -18.24
N ASP B 346 -25.54 -5.42 -17.76
CA ASP B 346 -26.99 -5.27 -17.65
C ASP B 346 -27.50 -5.14 -16.22
N ASN B 347 -26.68 -5.40 -15.22
CA ASN B 347 -27.03 -5.05 -13.85
C ASN B 347 -25.97 -4.11 -13.31
N GLU B 348 -26.13 -3.71 -12.05
CA GLU B 348 -25.21 -2.75 -11.44
C GLU B 348 -23.85 -3.36 -11.12
N SER B 349 -23.70 -4.68 -11.29
CA SER B 349 -22.44 -5.37 -11.01
C SER B 349 -21.91 -5.06 -9.62
N LEU B 350 -22.79 -5.08 -8.62
CA LEU B 350 -22.41 -4.86 -7.22
C LEU B 350 -21.90 -6.16 -6.61
N ILE B 351 -20.61 -6.44 -6.85
CA ILE B 351 -20.04 -7.74 -6.51
C ILE B 351 -19.83 -7.89 -4.99
N SER B 352 -19.72 -9.14 -4.57
CA SER B 352 -19.38 -9.48 -3.19
C SER B 352 -17.86 -9.51 -3.02
N ARG B 353 -17.43 -9.45 -1.76
CA ARG B 353 -15.99 -9.47 -1.50
C ARG B 353 -15.36 -10.74 -2.06
N ALA B 354 -16.04 -11.89 -1.94
CA ALA B 354 -15.47 -13.12 -2.48
C ALA B 354 -15.27 -13.01 -3.99
N GLU B 355 -16.25 -12.38 -4.69
CA GLU B 355 -16.12 -12.16 -6.13
C GLU B 355 -14.97 -11.20 -6.44
N PHE B 356 -14.85 -10.11 -5.68
CA PHE B 356 -13.71 -9.21 -5.82
C PHE B 356 -12.40 -9.97 -5.76
N LEU B 357 -12.20 -10.76 -4.69
CA LEU B 357 -10.98 -11.54 -4.56
C LEU B 357 -10.79 -12.49 -5.74
N ALA B 358 -11.87 -13.12 -6.20
CA ALA B 358 -11.75 -13.95 -7.39
C ALA B 358 -11.30 -13.12 -8.58
N GLY B 359 -11.97 -11.99 -8.81
CA GLY B 359 -11.68 -11.15 -9.98
C GLY B 359 -10.27 -10.60 -9.99
N VAL B 360 -9.68 -10.40 -8.82
CA VAL B 360 -8.29 -9.95 -8.73
C VAL B 360 -7.36 -10.96 -9.38
N ARG B 361 -7.67 -12.25 -9.27
CA ARG B 361 -6.83 -13.24 -9.95
C ARG B 361 -7.07 -13.26 -11.45
N VAL B 362 -8.25 -12.82 -11.90
CA VAL B 362 -8.55 -12.75 -13.33
C VAL B 362 -7.93 -11.48 -13.94
N GLY B 363 -7.92 -10.38 -13.19
CA GLY B 363 -7.36 -9.14 -13.72
C GLY B 363 -5.85 -9.06 -13.62
N VAL B 364 -5.26 -9.74 -12.64
CA VAL B 364 -3.81 -9.80 -12.52
C VAL B 364 -3.39 -11.25 -12.61
N PRO B 365 -3.45 -11.85 -13.79
CA PRO B 365 -3.18 -13.27 -13.94
C PRO B 365 -1.70 -13.62 -13.86
N GLN B 366 -1.44 -14.91 -13.57
CA GLN B 366 -0.09 -15.49 -13.63
C GLN B 366 0.90 -14.88 -12.60
N VAL B 367 0.42 -14.51 -11.42
CA VAL B 367 1.31 -13.99 -10.39
C VAL B 367 1.18 -14.88 -9.17
N SER B 368 2.16 -14.74 -8.27
CA SER B 368 2.17 -15.53 -7.04
C SER B 368 1.04 -15.07 -6.12
N ASP B 369 0.63 -15.99 -5.24
CA ASP B 369 -0.39 -15.65 -4.25
C ASP B 369 0.00 -14.42 -3.46
N LEU B 370 1.28 -14.32 -3.10
CA LEU B 370 1.78 -13.12 -2.41
C LEU B 370 1.47 -11.86 -3.22
N ALA B 371 1.74 -11.89 -4.53
CA ALA B 371 1.46 -10.72 -5.38
C ALA B 371 -0.02 -10.39 -5.35
N ALA B 372 -0.88 -11.40 -5.46
CA ALA B 372 -2.31 -11.16 -5.40
C ALA B 372 -2.71 -10.53 -4.07
N GLU B 373 -2.17 -11.02 -2.94
CA GLU B 373 -2.48 -10.42 -1.65
C GLU B 373 -2.06 -8.96 -1.62
N ALA B 374 -0.85 -8.67 -2.12
CA ALA B 374 -0.38 -7.28 -2.18
C ALA B 374 -1.34 -6.41 -3.00
N VAL B 375 -1.93 -6.97 -4.06
CA VAL B 375 -2.93 -6.22 -4.82
C VAL B 375 -4.18 -6.00 -3.98
N VAL B 376 -4.64 -7.06 -3.31
CA VAL B 376 -5.82 -6.95 -2.47
C VAL B 376 -5.59 -5.97 -1.33
N LEU B 377 -4.35 -5.93 -0.81
CA LEU B 377 -4.07 -4.99 0.27
C LEU B 377 -4.24 -3.55 -0.20
N HIS B 378 -3.64 -3.21 -1.33
N HIS B 378 -3.62 -3.21 -1.33
CA HIS B 378 -3.63 -1.81 -1.75
CA HIS B 378 -3.61 -1.85 -1.83
C HIS B 378 -4.98 -1.33 -2.27
C HIS B 378 -5.00 -1.35 -2.20
N TYR B 379 -5.85 -2.23 -2.74
CA TYR B 379 -7.13 -1.81 -3.30
C TYR B 379 -8.31 -2.05 -2.38
N THR B 380 -8.09 -2.52 -1.18
CA THR B 380 -9.15 -2.58 -0.17
C THR B 380 -9.21 -1.32 0.68
N ASP B 381 -10.44 -0.82 0.92
CA ASP B 381 -10.68 0.15 1.98
C ASP B 381 -10.99 -0.62 3.25
N TRP B 382 -10.05 -0.66 4.18
CA TRP B 382 -10.24 -1.55 5.31
C TRP B 382 -11.26 -1.03 6.32
N LEU B 383 -11.83 0.15 6.08
CA LEU B 383 -13.03 0.60 6.77
C LEU B 383 -14.34 0.17 6.10
N HIS B 384 -14.27 -0.31 4.85
CA HIS B 384 -15.45 -0.80 4.11
C HIS B 384 -15.06 -2.01 3.27
N PRO B 385 -14.58 -3.09 3.90
CA PRO B 385 -14.01 -4.18 3.09
C PRO B 385 -15.04 -4.91 2.22
N GLU B 386 -16.33 -4.75 2.47
CA GLU B 386 -17.34 -5.53 1.75
C GLU B 386 -18.35 -4.69 1.01
N ASP B 387 -18.15 -3.39 0.91
CA ASP B 387 -19.10 -2.54 0.20
C ASP B 387 -19.10 -2.91 -1.29
N PRO B 388 -20.21 -3.41 -1.83
CA PRO B 388 -20.20 -3.83 -3.25
C PRO B 388 -19.85 -2.73 -4.23
N ALA B 389 -20.37 -1.51 -4.04
CA ALA B 389 -20.06 -0.45 -5.00
C ALA B 389 -18.57 -0.12 -4.99
N ARG B 390 -17.99 0.05 -3.80
CA ARG B 390 -16.56 0.29 -3.68
C ARG B 390 -15.76 -0.87 -4.27
N LEU B 391 -16.24 -2.10 -4.08
CA LEU B 391 -15.56 -3.28 -4.61
C LEU B 391 -15.58 -3.31 -6.14
N ARG B 392 -16.71 -2.99 -6.74
CA ARG B 392 -16.76 -2.91 -8.20
C ARG B 392 -15.77 -1.86 -8.69
N GLU B 393 -15.82 -0.67 -8.08
CA GLU B 393 -14.92 0.41 -8.49
C GLU B 393 -13.47 0.03 -8.30
N ALA B 394 -13.16 -0.79 -7.28
CA ALA B 394 -11.75 -1.07 -7.01
C ALA B 394 -11.18 -2.06 -8.02
N LEU B 395 -11.96 -3.10 -8.36
CA LEU B 395 -11.51 -4.04 -9.38
C LEU B 395 -11.32 -3.36 -10.72
N SER B 396 -12.22 -2.43 -11.08
CA SER B 396 -12.01 -1.64 -12.29
C SER B 396 -10.69 -0.90 -12.20
N ASP B 397 -10.42 -0.29 -11.03
CA ASP B 397 -9.16 0.40 -10.83
C ASP B 397 -7.98 -0.57 -10.89
N VAL B 398 -8.11 -1.78 -10.35
CA VAL B 398 -7.03 -2.75 -10.49
C VAL B 398 -6.70 -2.99 -11.96
N VAL B 399 -7.73 -3.31 -12.77
CA VAL B 399 -7.49 -3.68 -14.17
C VAL B 399 -7.02 -2.47 -14.97
N GLY B 400 -7.61 -1.29 -14.71
CA GLY B 400 -7.20 -0.09 -15.42
C GLY B 400 -5.79 0.38 -15.04
N ASP B 401 -5.45 0.31 -13.74
CA ASP B 401 -4.13 0.73 -13.30
C ASP B 401 -3.06 -0.24 -13.77
N HIS B 402 -3.35 -1.54 -13.66
CA HIS B 402 -2.36 -2.55 -13.98
C HIS B 402 -2.06 -2.59 -15.47
N ASN B 403 -3.08 -2.37 -16.31
CA ASN B 403 -2.92 -2.59 -17.73
C ASN B 403 -2.68 -1.32 -18.55
N VAL B 404 -3.16 -0.16 -18.10
CA VAL B 404 -3.07 1.03 -18.94
C VAL B 404 -2.45 2.21 -18.18
N VAL B 405 -3.13 2.66 -17.12
CA VAL B 405 -2.71 3.91 -16.47
C VAL B 405 -1.28 3.81 -15.96
N CYS B 406 -0.91 2.68 -15.34
CA CYS B 406 0.43 2.78 -14.75
C CYS B 406 1.51 2.45 -15.76
N PRO B 407 1.30 1.54 -16.73
CA PRO B 407 2.19 1.51 -17.89
C PRO B 407 2.37 2.88 -18.55
N VAL B 408 1.28 3.61 -18.81
CA VAL B 408 1.41 4.92 -19.45
C VAL B 408 2.16 5.88 -18.55
N ALA B 409 1.86 5.89 -17.25
CA ALA B 409 2.56 6.80 -16.35
C ALA B 409 4.06 6.53 -16.33
N GLN B 410 4.45 5.27 -16.35
CA GLN B 410 5.87 4.95 -16.37
C GLN B 410 6.53 5.46 -17.64
N LEU B 411 5.93 5.17 -18.80
CA LEU B 411 6.49 5.66 -20.06
C LEU B 411 6.65 7.17 -20.02
N ALA B 412 5.61 7.87 -19.61
CA ALA B 412 5.63 9.33 -19.58
C ALA B 412 6.75 9.83 -18.68
N GLY B 413 6.85 9.28 -17.47
CA GLY B 413 7.84 9.76 -16.53
C GLY B 413 9.26 9.48 -16.98
N ARG B 414 9.51 8.27 -17.47
CA ARG B 414 10.85 7.98 -17.92
C ARG B 414 11.22 8.79 -19.16
N LEU B 415 10.31 8.88 -20.14
CA LEU B 415 10.59 9.67 -21.32
C LEU B 415 10.87 11.12 -20.93
N ALA B 416 10.03 11.69 -20.07
CA ALA B 416 10.20 13.08 -19.61
C ALA B 416 11.54 13.28 -18.91
N ALA B 417 11.87 12.39 -17.97
CA ALA B 417 13.12 12.46 -17.22
C ALA B 417 14.35 12.20 -18.09
N GLN B 418 14.16 11.72 -19.32
CA GLN B 418 15.28 11.39 -20.19
C GLN B 418 15.27 12.17 -21.51
N GLY B 419 14.63 13.33 -21.53
CA GLY B 419 14.82 14.29 -22.60
C GLY B 419 13.60 14.61 -23.42
N ALA B 420 12.52 13.87 -23.27
CA ALA B 420 11.36 14.10 -24.11
C ALA B 420 10.47 15.13 -23.47
N ARG B 421 9.80 15.92 -24.31
CA ARG B 421 8.74 16.80 -23.85
C ARG B 421 7.41 16.05 -23.94
N VAL B 422 6.76 15.88 -22.79
CA VAL B 422 5.59 15.01 -22.67
C VAL B 422 4.39 15.86 -22.29
N TYR B 423 3.26 15.59 -22.92
CA TYR B 423 1.97 16.14 -22.49
C TYR B 423 1.02 15.01 -22.11
N ALA B 424 0.32 15.18 -20.98
CA ALA B 424 -0.54 14.12 -20.48
C ALA B 424 -1.95 14.65 -20.22
N TYR B 425 -2.94 13.80 -20.48
CA TYR B 425 -4.34 14.16 -20.36
C TYR B 425 -5.06 12.99 -19.71
N VAL B 426 -6.13 13.31 -18.98
CA VAL B 426 -7.13 12.33 -18.61
C VAL B 426 -8.45 12.76 -19.24
N PHE B 427 -9.04 11.86 -20.02
CA PHE B 427 -10.24 12.16 -20.77
C PHE B 427 -11.42 11.75 -19.90
N GLU B 428 -12.19 12.74 -19.45
CA GLU B 428 -13.16 12.53 -18.37
C GLU B 428 -14.59 12.80 -18.80
N HIS B 429 -14.86 12.81 -20.11
CA HIS B 429 -16.20 13.05 -20.61
C HIS B 429 -16.85 11.76 -21.07
N ARG B 430 -18.03 11.47 -20.53
CA ARG B 430 -18.84 10.34 -20.98
C ARG B 430 -19.71 10.80 -22.15
N ALA B 431 -19.63 10.08 -23.27
CA ALA B 431 -20.37 10.48 -24.46
C ALA B 431 -21.86 10.36 -24.21
N SER B 432 -22.61 11.38 -24.66
CA SER B 432 -24.06 11.32 -24.48
C SER B 432 -24.68 10.13 -25.21
N THR B 433 -24.02 9.63 -26.25
CA THR B 433 -24.52 8.56 -27.12
C THR B 433 -24.17 7.16 -26.61
N LEU B 434 -23.41 7.06 -25.52
CA LEU B 434 -22.83 5.80 -25.07
C LEU B 434 -23.92 4.82 -24.65
N SER B 435 -23.74 3.55 -25.03
CA SER B 435 -24.71 2.51 -24.72
C SER B 435 -24.27 1.54 -23.63
N TRP B 436 -23.03 1.62 -23.16
CA TRP B 436 -22.65 0.87 -21.99
C TRP B 436 -23.28 1.49 -20.73
N PRO B 437 -23.45 0.71 -19.67
CA PRO B 437 -24.14 1.22 -18.49
C PRO B 437 -23.40 2.37 -17.86
N LEU B 438 -24.15 3.17 -17.11
CA LEU B 438 -23.57 4.35 -16.47
C LEU B 438 -22.45 3.98 -15.47
N TRP B 439 -22.47 2.77 -14.90
CA TRP B 439 -21.42 2.44 -13.92
C TRP B 439 -20.07 2.22 -14.56
N MET B 440 -20.01 2.03 -15.88
CA MET B 440 -18.71 1.88 -16.52
C MET B 440 -18.01 3.21 -16.73
N GLY B 441 -18.68 4.34 -16.49
CA GLY B 441 -18.00 5.62 -16.57
C GLY B 441 -17.66 6.02 -18.01
N VAL B 442 -16.40 6.41 -18.20
CA VAL B 442 -15.83 6.64 -19.51
C VAL B 442 -14.97 5.44 -19.83
N PRO B 443 -15.48 4.42 -20.54
CA PRO B 443 -14.73 3.17 -20.74
C PRO B 443 -13.60 3.29 -21.77
N HIS B 444 -12.73 2.29 -21.76
CA HIS B 444 -11.59 2.25 -22.67
C HIS B 444 -11.95 2.31 -24.16
N GLY B 445 -11.49 3.37 -24.80
CA GLY B 445 -11.70 3.59 -26.23
C GLY B 445 -12.66 4.70 -26.60
N TYR B 446 -13.42 5.23 -25.64
CA TYR B 446 -14.50 6.15 -25.95
C TYR B 446 -14.07 7.61 -25.92
N GLU B 447 -12.78 7.89 -26.11
CA GLU B 447 -12.28 9.20 -26.50
C GLU B 447 -11.96 9.28 -27.99
N ILE B 448 -11.80 8.13 -28.67
CA ILE B 448 -11.43 8.12 -30.08
C ILE B 448 -12.47 8.84 -30.92
N GLU B 449 -13.77 8.62 -30.66
CA GLU B 449 -14.79 9.24 -31.51
C GLU B 449 -14.69 10.76 -31.48
N PHE B 450 -14.29 11.33 -30.35
CA PHE B 450 -14.14 12.77 -30.26
C PHE B 450 -12.85 13.26 -30.92
N ILE B 451 -11.76 12.50 -30.83
CA ILE B 451 -10.51 12.93 -31.46
C ILE B 451 -10.68 12.98 -32.97
N PHE B 452 -11.38 11.99 -33.53
CA PHE B 452 -11.63 11.93 -34.97
C PHE B 452 -12.76 12.85 -35.41
N GLY B 453 -13.46 13.51 -34.48
CA GLY B 453 -14.46 14.50 -34.82
C GLY B 453 -15.80 13.94 -35.22
N ILE B 454 -16.08 12.68 -34.91
CA ILE B 454 -17.34 12.02 -35.26
C ILE B 454 -18.55 12.82 -34.81
N PRO B 455 -18.55 13.48 -33.63
CA PRO B 455 -19.74 14.27 -33.28
C PRO B 455 -20.18 15.27 -34.33
N LEU B 456 -19.27 15.73 -35.19
CA LEU B 456 -19.64 16.68 -36.24
C LEU B 456 -20.56 16.07 -37.30
N ASP B 457 -20.61 14.75 -37.40
CA ASP B 457 -21.57 14.09 -38.28
C ASP B 457 -22.99 14.44 -37.86
N PRO B 458 -23.77 15.10 -38.73
CA PRO B 458 -25.15 15.45 -38.34
C PRO B 458 -26.03 14.23 -38.19
N SER B 459 -25.84 13.20 -39.03
CA SER B 459 -26.58 11.95 -38.93
C SER B 459 -26.53 11.33 -37.54
N ARG B 460 -25.58 11.75 -36.70
CA ARG B 460 -25.42 11.24 -35.34
C ARG B 460 -25.87 12.30 -34.34
N ASN B 461 -26.36 11.82 -33.19
CA ASN B 461 -27.14 12.66 -32.28
C ASN B 461 -26.31 13.10 -31.07
N TYR B 462 -25.17 13.74 -31.32
CA TYR B 462 -24.42 14.40 -30.25
C TYR B 462 -24.97 15.80 -30.00
N THR B 463 -24.61 16.36 -28.84
CA THR B 463 -25.11 17.67 -28.47
C THR B 463 -24.23 18.78 -29.07
N ALA B 464 -24.74 20.00 -29.01
CA ALA B 464 -23.98 21.13 -29.53
C ALA B 464 -22.67 21.35 -28.76
N GLU B 465 -22.66 21.07 -27.45
CA GLU B 465 -21.44 21.24 -26.67
C GLU B 465 -20.42 20.15 -26.99
N GLU B 466 -20.91 18.92 -27.23
CA GLU B 466 -20.00 17.85 -27.62
C GLU B 466 -19.33 18.13 -28.97
N LYS B 467 -20.05 18.74 -29.91
CA LYS B 467 -19.44 19.15 -31.18
C LYS B 467 -18.31 20.16 -30.95
N ILE B 468 -18.55 21.18 -30.13
CA ILE B 468 -17.48 22.12 -29.79
C ILE B 468 -16.33 21.40 -29.10
N PHE B 469 -16.65 20.49 -28.16
CA PHE B 469 -15.64 19.69 -27.47
C PHE B 469 -14.80 18.90 -28.45
N ALA B 470 -15.45 18.26 -29.42
CA ALA B 470 -14.72 17.53 -30.43
C ALA B 470 -13.82 18.47 -31.24
N GLN B 471 -14.28 19.68 -31.51
CA GLN B 471 -13.46 20.63 -32.27
C GLN B 471 -12.25 21.06 -31.46
N ARG B 472 -12.41 21.22 -30.13
CA ARG B 472 -11.25 21.55 -29.29
C ARG B 472 -10.22 20.42 -29.34
N LEU B 473 -10.70 19.17 -29.26
CA LEU B 473 -9.78 18.05 -29.24
C LEU B 473 -8.99 17.96 -30.54
N MET B 474 -9.68 18.09 -31.66
CA MET B 474 -8.98 18.06 -32.94
C MET B 474 -7.92 19.15 -33.00
N ARG B 475 -8.21 20.32 -32.41
CA ARG B 475 -7.22 21.38 -32.38
C ARG B 475 -6.01 20.98 -31.54
N TYR B 476 -6.26 20.41 -30.35
CA TYR B 476 -5.16 19.97 -29.50
C TYR B 476 -4.26 18.99 -30.26
N TRP B 477 -4.85 17.94 -30.82
CA TRP B 477 -4.09 16.90 -31.52
C TRP B 477 -3.33 17.48 -32.71
N ALA B 478 -4.00 18.29 -33.52
CA ALA B 478 -3.36 18.85 -34.71
C ALA B 478 -2.25 19.84 -34.35
N ASN B 479 -2.46 20.68 -33.33
CA ASN B 479 -1.37 21.53 -32.86
C ASN B 479 -0.16 20.70 -32.50
N PHE B 480 -0.39 19.59 -31.80
CA PHE B 480 0.73 18.72 -31.42
C PHE B 480 1.44 18.18 -32.66
N ALA B 481 0.67 17.81 -33.69
CA ALA B 481 1.25 17.32 -34.93
C ALA B 481 2.12 18.39 -35.59
N ARG B 482 1.60 19.60 -35.69
CA ARG B 482 2.32 20.68 -36.36
C ARG B 482 3.55 21.12 -35.58
N THR B 483 3.40 21.37 -34.27
CA THR B 483 4.43 22.03 -33.46
C THR B 483 5.08 21.18 -32.38
N GLY B 484 4.49 20.05 -31.99
CA GLY B 484 4.96 19.39 -30.79
C GLY B 484 4.41 19.94 -29.51
N ASP B 485 3.40 20.78 -29.57
CA ASP B 485 2.81 21.45 -28.42
C ASP B 485 1.31 21.57 -28.67
N PRO B 486 0.46 20.95 -27.84
CA PRO B 486 -0.99 21.01 -28.10
C PRO B 486 -1.60 22.38 -27.86
N ASN B 487 -0.85 23.33 -27.31
CA ASN B 487 -1.41 24.59 -26.84
C ASN B 487 -1.63 25.55 -28.00
N GLU B 488 -2.65 26.39 -27.88
CA GLU B 488 -2.93 27.32 -28.96
C GLU B 488 -1.89 28.44 -28.98
N PRO B 489 -1.15 28.60 -30.10
CA PRO B 489 -0.13 29.62 -30.38
C PRO B 489 -0.64 31.04 -30.15
N PRO B 495 -6.63 28.97 -20.86
CA PRO B 495 -5.77 28.34 -19.82
C PRO B 495 -4.84 27.33 -20.47
N GLN B 496 -3.61 27.19 -19.98
CA GLN B 496 -2.57 26.52 -20.77
C GLN B 496 -2.15 25.18 -20.17
N TRP B 497 -1.77 24.28 -21.08
CA TRP B 497 -1.57 22.87 -20.81
C TRP B 497 -0.09 22.60 -20.60
N PRO B 498 0.35 22.29 -19.38
CA PRO B 498 1.80 22.21 -19.10
C PRO B 498 2.36 20.85 -19.45
N PRO B 499 3.65 20.78 -19.76
CA PRO B 499 4.31 19.48 -19.95
C PRO B 499 4.28 18.64 -18.68
N TYR B 500 4.15 17.33 -18.86
CA TYR B 500 4.26 16.38 -17.77
C TYR B 500 5.72 16.12 -17.43
N THR B 501 6.07 16.22 -16.15
CA THR B 501 7.40 15.94 -15.64
C THR B 501 7.35 14.85 -14.58
N ALA B 502 8.49 14.17 -14.37
CA ALA B 502 8.52 13.11 -13.36
C ALA B 502 8.27 13.66 -11.96
N GLY B 503 8.73 14.87 -11.67
CA GLY B 503 8.43 15.51 -10.41
C GLY B 503 7.00 16.00 -10.28
N ALA B 504 6.60 17.03 -11.02
CA ALA B 504 5.30 17.63 -10.76
C ALA B 504 4.16 16.74 -11.25
N GLN B 505 4.43 15.87 -12.23
CA GLN B 505 3.43 14.94 -12.77
C GLN B 505 2.12 15.64 -13.12
N GLN B 506 2.23 16.79 -13.81
CA GLN B 506 1.05 17.55 -14.21
C GLN B 506 0.41 16.99 -15.47
N TYR B 507 -0.92 16.94 -15.46
CA TYR B 507 -1.71 16.53 -16.61
C TYR B 507 -2.98 17.39 -16.61
N VAL B 508 -3.69 17.39 -17.76
CA VAL B 508 -4.95 18.13 -17.87
C VAL B 508 -6.09 17.14 -18.01
N SER B 509 -7.27 17.59 -17.61
CA SER B 509 -8.50 16.86 -17.84
C SER B 509 -9.20 17.43 -19.07
N LEU B 510 -9.56 16.56 -20.00
CA LEU B 510 -10.32 16.96 -21.19
C LEU B 510 -11.78 16.63 -20.94
N ASP B 511 -12.63 17.66 -20.87
CA ASP B 511 -14.08 17.47 -20.82
C ASP B 511 -14.75 18.76 -21.27
N LEU B 512 -16.07 18.86 -21.06
CA LEU B 512 -16.79 20.04 -21.56
C LEU B 512 -16.43 21.30 -20.80
N ARG B 513 -15.81 21.16 -19.61
CA ARG B 513 -15.32 22.30 -18.83
C ARG B 513 -13.93 22.68 -19.34
N PRO B 514 -13.45 23.88 -19.04
CA PRO B 514 -12.12 24.25 -19.53
C PRO B 514 -11.04 23.41 -18.86
N LEU B 515 -9.85 23.41 -19.49
CA LEU B 515 -8.68 22.71 -19.00
C LEU B 515 -8.51 22.92 -17.51
N GLU B 516 -8.31 21.82 -16.79
CA GLU B 516 -7.96 21.83 -15.39
C GLU B 516 -6.66 21.05 -15.27
N VAL B 517 -5.62 21.69 -14.72
CA VAL B 517 -4.35 21.03 -14.50
C VAL B 517 -4.38 20.34 -13.15
N ARG B 518 -3.91 19.10 -13.10
CA ARG B 518 -3.86 18.28 -11.90
C ARG B 518 -2.52 17.58 -11.80
N ARG B 519 -2.26 16.94 -10.66
CA ARG B 519 -0.98 16.28 -10.42
C ARG B 519 -1.13 14.78 -10.23
N GLY B 520 -0.22 14.01 -10.84
CA GLY B 520 -0.15 12.58 -10.61
C GLY B 520 -1.20 11.74 -11.33
N LEU B 521 -0.74 10.86 -12.23
CA LEU B 521 -1.60 9.87 -12.87
C LEU B 521 -1.70 8.68 -11.93
N ARG B 522 -2.65 8.76 -11.00
N ARG B 522 -2.64 8.79 -10.99
CA ARG B 522 -2.82 7.73 -9.98
CA ARG B 522 -2.84 7.78 -9.95
C ARG B 522 -1.46 7.38 -9.35
C ARG B 522 -1.49 7.39 -9.34
N ALA B 523 -0.81 8.41 -8.81
CA ALA B 523 0.55 8.22 -8.31
C ALA B 523 0.63 7.19 -7.18
N GLN B 524 -0.31 7.21 -6.25
CA GLN B 524 -0.22 6.26 -5.15
C GLN B 524 -0.37 4.83 -5.65
N ALA B 525 -1.31 4.57 -6.55
CA ALA B 525 -1.44 3.21 -7.08
C ALA B 525 -0.27 2.83 -7.97
N CYS B 526 0.21 3.78 -8.78
CA CYS B 526 1.17 3.43 -9.80
C CYS B 526 2.58 3.29 -9.24
N ALA B 527 2.80 3.79 -8.02
CA ALA B 527 4.00 3.42 -7.28
C ALA B 527 4.00 1.95 -6.96
N PHE B 528 2.83 1.40 -6.63
CA PHE B 528 2.74 -0.04 -6.37
C PHE B 528 3.09 -0.84 -7.62
N TRP B 529 2.44 -0.53 -8.74
CA TRP B 529 2.62 -1.37 -9.94
C TRP B 529 3.97 -1.14 -10.59
N ASN B 530 4.51 0.08 -10.56
CA ASN B 530 5.75 0.36 -11.25
C ASN B 530 6.99 0.25 -10.35
N ARG B 531 6.89 0.59 -9.07
CA ARG B 531 8.06 0.56 -8.18
C ARG B 531 8.12 -0.68 -7.31
N PHE B 532 7.05 -1.02 -6.63
CA PHE B 532 7.19 -2.12 -5.67
C PHE B 532 7.00 -3.50 -6.30
N LEU B 533 5.87 -3.72 -7.00
CA LEU B 533 5.52 -5.07 -7.43
C LEU B 533 6.57 -5.74 -8.31
N PRO B 534 7.31 -5.05 -9.19
CA PRO B 534 8.44 -5.73 -9.84
C PRO B 534 9.40 -6.38 -8.83
N LYS B 535 9.79 -5.66 -7.78
CA LYS B 535 10.73 -6.18 -6.79
C LYS B 535 10.19 -7.45 -6.12
N LEU B 536 8.92 -7.43 -5.71
CA LEU B 536 8.32 -8.61 -5.11
C LEU B 536 8.34 -9.79 -6.04
N LEU B 537 8.08 -9.56 -7.33
CA LEU B 537 7.99 -10.64 -8.31
C LEU B 537 9.34 -11.31 -8.58
N SER B 538 10.46 -10.63 -8.28
CA SER B 538 11.79 -11.20 -8.40
C SER B 538 12.24 -11.98 -7.16
N ALA B 539 11.44 -12.01 -6.10
CA ALA B 539 11.75 -12.82 -4.92
C ALA B 539 10.48 -13.49 -4.36
C1 NAG C . 19.02 18.72 13.59
C2 NAG C . 19.61 19.03 12.20
C3 NAG C . 20.34 17.81 11.63
C4 NAG C . 21.31 17.20 12.64
C5 NAG C . 20.58 16.97 13.97
C6 NAG C . 21.44 16.42 15.08
C7 NAG C . 18.51 20.70 10.76
C8 NAG C . 19.62 21.64 11.14
N2 NAG C . 18.57 19.47 11.29
O3 NAG C . 21.03 18.17 10.44
O4 NAG C . 21.83 15.98 12.10
O5 NAG C . 20.03 18.21 14.45
O6 NAG C . 22.58 17.24 15.30
O7 NAG C . 17.60 21.04 10.01
C1 NAG C . 23.27 15.85 12.26
C2 NAG C . 23.63 14.36 12.43
C3 NAG C . 25.15 14.19 12.59
C4 NAG C . 25.90 14.94 11.48
C5 NAG C . 25.40 16.38 11.41
C6 NAG C . 26.07 17.22 10.35
C7 NAG C . 22.18 12.72 13.53
C8 NAG C . 21.56 12.27 14.83
N2 NAG C . 22.96 13.80 13.59
O3 NAG C . 25.49 12.82 12.55
O4 NAG C . 27.29 14.94 11.76
O5 NAG C . 24.00 16.39 11.14
O6 NAG C . 26.75 18.31 10.94
O7 NAG C . 21.99 12.13 12.47
C1 FUC C . 22.80 17.44 16.70
C2 FUC C . 24.26 17.96 16.79
C3 FUC C . 24.36 19.38 16.18
C4 FUC C . 23.36 20.32 16.87
C5 FUC C . 21.94 19.73 16.70
C6 FUC C . 20.80 20.53 17.34
O2 FUC C . 25.19 17.07 16.15
O3 FUC C . 25.69 19.89 16.33
O4 FUC C . 23.70 20.41 18.26
O5 FUC C . 21.87 18.38 17.27
C1 NAG D . -25.33 -9.60 -12.37
C2 NAG D . -25.65 -10.38 -11.07
C3 NAG D . -24.65 -11.53 -10.86
C4 NAG D . -24.59 -12.41 -12.10
C5 NAG D . -24.24 -11.55 -13.31
C6 NAG D . -24.24 -12.33 -14.60
C7 NAG D . -26.80 -9.17 -9.27
C8 NAG D . -28.07 -9.77 -9.81
N2 NAG D . -25.67 -9.51 -9.92
O3 NAG D . -25.05 -12.30 -9.74
O4 NAG D . -23.66 -13.48 -11.91
O5 NAG D . -25.22 -10.50 -13.47
O6 NAG D . -25.50 -12.99 -14.75
O7 NAG D . -26.78 -8.43 -8.29
C1 FUC D . -26.01 -12.93 -16.08
C2 FUC D . -27.00 -14.09 -16.09
C3 FUC D . -28.09 -13.77 -15.05
C4 FUC D . -28.80 -12.46 -15.43
C5 FUC D . -27.76 -11.32 -15.54
C6 FUC D . -28.35 -10.00 -16.09
O2 FUC D . -26.39 -15.36 -15.84
O3 FUC D . -29.08 -14.80 -14.97
O4 FUC D . -29.45 -12.63 -16.68
O5 FUC D . -26.62 -11.70 -16.40
C1 THA E . 7.22 4.63 29.99
C2 THA E . 8.58 4.88 30.02
C3 THA E . 9.12 5.93 29.27
C4 THA E . 8.20 6.76 28.46
C5 THA E . 6.85 6.48 28.46
C6 THA E . 6.36 5.42 29.22
N7 THA E . 10.45 6.17 29.30
C8 THA E . 11.04 7.18 28.60
C9 THA E . 10.23 8.10 27.74
C10 THA E . 8.77 7.87 27.66
C11 THA E . 12.54 7.35 28.71
C12 THA E . 13.08 8.23 27.59
C13 THA E . 12.26 9.51 27.49
C14 THA E . 10.87 9.22 26.96
N15 THA E . 7.97 8.67 26.90
O1 PE8 F . 10.67 -27.60 26.43
C2 PE8 F . 11.22 -26.99 25.30
C3 PE8 F . 11.49 -25.51 25.61
O4 PE8 F . 12.64 -25.40 26.44
C5 PE8 F . 12.66 -24.39 27.44
C6 PE8 F . 11.68 -24.83 28.52
O7 PE8 F . 11.33 -24.04 29.64
C8 PE8 F . 9.99 -24.01 30.11
C9 PE8 F . 9.56 -25.04 31.18
O10 PE8 F . 8.62 -25.98 30.70
C11 PE8 F . 7.25 -25.60 30.75
C12 PE8 F . 6.42 -26.22 29.61
O13 PE8 F . 7.11 -26.38 28.38
C14 PE8 F . 6.36 -26.74 27.21
C15 PE8 F . 7.19 -26.85 25.91
O16 PE8 F . 6.87 -25.90 24.92
C17 PE8 F . 7.79 -25.87 23.88
C18 PE8 F . 8.29 -24.44 23.70
O19 PE8 F . 7.38 -23.76 22.85
C20 PE8 F . 7.97 -22.77 22.05
C21 PE8 F . 6.85 -21.96 21.43
O22 PE8 F . 5.88 -22.89 21.00
C23 PE8 F . 5.09 -22.47 19.91
C24 PE8 F . 5.63 -23.11 18.63
O25 PE8 F . 4.64 -23.91 18.06
C1 THA G . -10.05 -0.86 -29.63
C2 THA G . -10.84 -2.01 -29.63
C3 THA G . -11.90 -2.11 -28.73
C4 THA G . -12.16 -0.97 -27.81
C5 THA G . -11.35 0.15 -27.86
C6 THA G . -10.30 0.20 -28.77
N7 THA G . -12.68 -3.21 -28.72
C8 THA G . -13.73 -3.37 -27.88
C9 THA G . -14.11 -2.31 -26.91
C10 THA G . -13.30 -1.07 -26.86
C11 THA G . -14.52 -4.67 -27.96
C12 THA G . -15.39 -4.86 -26.72
C13 THA G . -16.19 -3.60 -26.44
C14 THA G . -15.28 -2.47 -25.96
N15 THA G . -13.59 -0.07 -26.00
#